data_4NQQ
#
_entry.id   4NQQ
#
_cell.length_a   123.085
_cell.length_b   188.700
_cell.length_c   53.150
_cell.angle_alpha   90.00
_cell.angle_beta   90.00
_cell.angle_gamma   90.00
#
_symmetry.space_group_name_H-M   'P 21 21 2'
#
loop_
_entity.id
_entity.type
_entity.pdbx_description
1 polymer Cadherin-3
2 non-polymer 'CALCIUM ION'
3 non-polymer 'COPPER (II) ION'
4 water water
#
_entity_poly.entity_id   1
_entity_poly.type   'polypeptide(L)'
_entity_poly.pdbx_seq_one_letter_code
;EWVMPPIFVPENGKGPFPQRLNQLKSNKDRGTKIFYSITGPGADSPPEGVFTIEKESGWLLLHMPLDREKIVKYELYGHA
VSENGASVEEPMNISIIVTDQNDNKPKFTQDTFRGSVLEGVMPGTSVMQVTATDEDDAVNTYNGVVAYSIHSQEPKEPHD
LMFTIHKSTGTISVISSGLDREKVPEYRLTVQATDMDGEGSTTTAEAVVQILD
;
_entity_poly.pdbx_strand_id   A,B,C,D
#
loop_
_chem_comp.id
_chem_comp.type
_chem_comp.name
_chem_comp.formula
CA non-polymer 'CALCIUM ION' 'Ca 2'
CU non-polymer 'COPPER (II) ION' 'Cu 2'
#
# COMPACT_ATOMS: atom_id res chain seq x y z
N GLU A 1 10.35 -9.73 41.61
CA GLU A 1 9.15 -8.91 41.30
C GLU A 1 8.70 -9.19 39.88
N TRP A 2 7.41 -9.43 39.69
CA TRP A 2 6.89 -9.55 38.33
C TRP A 2 6.88 -8.15 37.76
N VAL A 3 7.57 -8.03 36.64
CA VAL A 3 7.74 -6.76 35.94
C VAL A 3 7.31 -6.91 34.49
N MET A 4 6.95 -5.81 33.86
CA MET A 4 6.50 -5.85 32.47
C MET A 4 7.72 -6.16 31.61
N PRO A 5 7.58 -7.11 30.67
CA PRO A 5 8.65 -7.49 29.73
C PRO A 5 8.86 -6.44 28.67
N PRO A 6 10.04 -6.40 28.05
CA PRO A 6 10.22 -5.37 27.03
C PRO A 6 9.16 -5.55 25.96
N ILE A 7 8.84 -4.48 25.23
CA ILE A 7 7.83 -4.56 24.19
C ILE A 7 8.44 -4.34 22.81
N PHE A 8 8.35 -5.37 21.96
CA PHE A 8 8.87 -5.26 20.59
C PHE A 8 7.79 -4.83 19.61
N VAL A 9 8.08 -3.75 18.89
CA VAL A 9 7.15 -3.18 17.95
C VAL A 9 7.82 -2.96 16.61
N PRO A 10 7.43 -3.73 15.59
CA PRO A 10 8.04 -3.52 14.28
C PRO A 10 7.68 -2.15 13.73
N GLU A 11 8.66 -1.47 13.13
CA GLU A 11 8.44 -0.12 12.61
C GLU A 11 7.49 -0.14 11.42
N ASN A 12 6.97 1.04 11.09
CA ASN A 12 6.06 1.19 9.95
C ASN A 12 4.88 0.23 10.06
N GLY A 13 4.24 0.25 11.21
CA GLY A 13 3.06 -0.57 11.43
C GLY A 13 1.84 0.16 10.90
N LYS A 14 0.92 -0.58 10.31
CA LYS A 14 -0.31 0.01 9.83
C LYS A 14 -1.29 0.05 11.00
N GLY A 15 -2.47 0.62 10.75
CA GLY A 15 -3.43 0.85 11.81
C GLY A 15 -3.97 -0.42 12.43
N PRO A 16 -4.98 -0.29 13.28
CA PRO A 16 -5.57 1.01 13.68
C PRO A 16 -4.85 1.66 14.85
N PHE A 17 -5.02 2.97 15.01
CA PHE A 17 -4.43 3.71 16.12
C PHE A 17 -5.53 4.39 16.94
N PRO A 18 -5.31 4.54 18.26
CA PRO A 18 -4.07 4.14 18.94
C PRO A 18 -3.95 2.63 19.07
N GLN A 19 -2.74 2.15 19.28
CA GLN A 19 -2.50 0.71 19.44
C GLN A 19 -2.24 0.39 20.91
N ARG A 20 -2.86 -0.67 21.39
CA ARG A 20 -2.64 -1.12 22.77
C ARG A 20 -1.43 -2.03 22.82
N LEU A 21 -0.41 -1.64 23.56
CA LEU A 21 0.79 -2.45 23.70
C LEU A 21 0.66 -3.39 24.90
N ASN A 22 0.49 -2.80 26.09
CA ASN A 22 0.29 -3.56 27.32
C ASN A 22 -0.60 -2.77 28.26
N GLN A 23 -0.81 -3.33 29.45
CA GLN A 23 -1.65 -2.68 30.45
C GLN A 23 -1.07 -2.79 31.86
N LEU A 24 -1.07 -1.68 32.58
CA LEU A 24 -0.57 -1.64 33.94
C LEU A 24 -1.69 -1.87 34.96
N LYS A 25 -1.32 -2.40 36.13
CA LYS A 25 -2.28 -2.58 37.21
C LYS A 25 -1.60 -2.69 38.57
N SER A 26 -2.07 -1.93 39.56
CA SER A 26 -1.60 -2.09 40.93
C SER A 26 -2.67 -2.81 41.73
N ASN A 27 -2.32 -3.92 42.36
CA ASN A 27 -3.27 -4.70 43.14
C ASN A 27 -3.87 -3.89 44.30
N LYS A 28 -3.41 -2.66 44.46
CA LYS A 28 -4.01 -1.76 45.43
C LYS A 28 -5.28 -1.14 44.84
N ASP A 29 -5.72 -1.69 43.71
CA ASP A 29 -7.03 -1.38 43.15
C ASP A 29 -8.09 -1.85 44.14
N ARG A 30 -7.73 -2.89 44.89
CA ARG A 30 -8.62 -3.51 45.84
C ARG A 30 -9.05 -2.52 46.93
N GLY A 31 -8.12 -1.66 47.33
CA GLY A 31 -8.36 -0.72 48.41
C GLY A 31 -8.82 0.65 47.94
N THR A 32 -8.19 1.16 46.88
CA THR A 32 -8.50 2.50 46.41
C THR A 32 -8.45 2.59 44.88
N LYS A 33 -9.14 3.60 44.35
CA LYS A 33 -9.08 3.88 42.92
C LYS A 33 -7.71 4.46 42.60
N ILE A 34 -7.01 3.83 41.66
CA ILE A 34 -5.66 4.24 41.30
C ILE A 34 -5.61 4.88 39.92
N PHE A 35 -4.71 5.85 39.75
CA PHE A 35 -4.57 6.57 38.49
C PHE A 35 -3.16 6.41 37.93
N TYR A 36 -3.08 6.11 36.64
CA TYR A 36 -1.82 5.78 36.00
C TYR A 36 -1.30 6.87 35.07
N SER A 37 0.02 6.88 34.90
CA SER A 37 0.68 7.85 34.03
C SER A 37 2.04 7.30 33.58
N ILE A 38 2.60 7.91 32.54
CA ILE A 38 3.93 7.52 32.08
C ILE A 38 4.76 8.73 31.76
N THR A 39 6.07 8.62 31.99
CA THR A 39 6.98 9.72 31.73
C THR A 39 8.27 9.22 31.08
N GLY A 40 8.98 10.13 30.43
CA GLY A 40 10.22 9.80 29.74
C GLY A 40 10.17 10.22 28.27
N PRO A 41 11.33 10.19 27.60
CA PRO A 41 11.43 10.54 26.19
C PRO A 41 10.54 9.66 25.32
N GLY A 42 9.47 10.24 24.79
CA GLY A 42 8.49 9.50 24.00
C GLY A 42 7.09 9.73 24.53
N ALA A 43 7.01 10.12 25.79
CA ALA A 43 5.71 10.37 26.43
C ALA A 43 5.50 11.86 26.70
N ASP A 44 6.15 12.37 27.74
CA ASP A 44 6.00 13.78 28.12
C ASP A 44 7.18 14.60 27.62
N SER A 45 8.29 13.92 27.31
CA SER A 45 9.47 14.57 26.76
C SER A 45 9.53 14.33 25.25
N PRO A 46 10.30 15.16 24.53
CA PRO A 46 10.45 14.98 23.09
C PRO A 46 11.03 13.61 22.72
N PRO A 47 10.41 12.90 21.77
CA PRO A 47 9.21 13.30 21.03
C PRO A 47 7.96 13.11 21.87
N GLU A 48 7.31 14.21 22.23
CA GLU A 48 6.16 14.16 23.12
C GLU A 48 4.95 13.56 22.41
N GLY A 49 4.20 12.74 23.15
CA GLY A 49 2.90 12.28 22.68
C GLY A 49 2.88 10.94 21.97
N VAL A 50 4.06 10.39 21.68
CA VAL A 50 4.12 9.13 20.94
C VAL A 50 3.47 8.02 21.74
N PHE A 51 3.85 7.91 23.01
CA PHE A 51 3.26 6.93 23.92
C PHE A 51 2.51 7.65 25.05
N THR A 52 1.25 7.28 25.25
CA THR A 52 0.49 7.80 26.38
C THR A 52 -0.19 6.62 27.09
N ILE A 53 -0.90 6.91 28.19
CA ILE A 53 -1.52 5.83 28.96
C ILE A 53 -2.85 6.27 29.56
N GLU A 54 -3.89 5.47 29.36
CA GLU A 54 -5.22 5.78 29.90
C GLU A 54 -5.19 5.80 31.43
N LYS A 55 -5.56 6.94 31.99
CA LYS A 55 -5.34 7.23 33.41
C LYS A 55 -6.05 6.24 34.33
N GLU A 56 -7.23 5.77 33.93
CA GLU A 56 -8.05 4.94 34.81
C GLU A 56 -7.94 3.44 34.49
N SER A 57 -7.68 3.12 33.24
CA SER A 57 -7.59 1.72 32.82
C SER A 57 -6.15 1.23 32.81
N GLY A 58 -5.22 2.13 32.51
CA GLY A 58 -3.81 1.80 32.51
C GLY A 58 -3.32 1.15 31.22
N TRP A 59 -3.99 1.43 30.11
CA TRP A 59 -3.59 0.90 28.82
C TRP A 59 -2.47 1.72 28.21
N LEU A 60 -1.35 1.06 27.88
CA LEU A 60 -0.27 1.73 27.18
C LEU A 60 -0.67 1.86 25.71
N LEU A 61 -0.58 3.07 25.18
CA LEU A 61 -1.04 3.33 23.82
C LEU A 61 0.05 3.92 22.93
N LEU A 62 0.07 3.46 21.68
CA LEU A 62 0.98 3.97 20.67
C LEU A 62 0.16 4.71 19.64
N HIS A 63 0.48 5.99 19.41
CA HIS A 63 -0.36 6.85 18.58
C HIS A 63 0.13 7.09 17.16
N MET A 64 1.36 6.70 16.85
CA MET A 64 1.90 6.90 15.52
C MET A 64 2.78 5.72 15.11
N PRO A 65 2.74 5.33 13.83
CA PRO A 65 3.66 4.30 13.35
C PRO A 65 5.09 4.71 13.66
N LEU A 66 5.89 3.78 14.16
CA LEU A 66 7.23 4.12 14.59
C LEU A 66 8.23 4.00 13.44
N ASP A 67 9.32 4.75 13.55
CA ASP A 67 10.40 4.70 12.57
C ASP A 67 11.68 4.37 13.33
N ARG A 68 12.24 3.19 13.06
CA ARG A 68 13.40 2.73 13.83
C ARG A 68 14.63 3.57 13.55
N GLU A 69 14.74 4.05 12.32
CA GLU A 69 15.86 4.87 11.90
C GLU A 69 15.90 6.19 12.69
N LYS A 70 14.74 6.59 13.22
CA LYS A 70 14.65 7.78 14.07
C LYS A 70 15.00 7.45 15.53
N ILE A 71 14.14 6.64 16.17
CA ILE A 71 14.42 6.15 17.52
C ILE A 71 14.31 4.63 17.60
N VAL A 72 15.42 3.97 17.94
CA VAL A 72 15.44 2.51 18.06
C VAL A 72 14.75 1.99 19.32
N LYS A 73 14.93 2.70 20.43
CA LYS A 73 14.46 2.20 21.71
C LYS A 73 13.93 3.33 22.58
N TYR A 74 12.77 3.10 23.19
CA TYR A 74 12.21 4.05 24.14
C TYR A 74 12.34 3.47 25.54
N GLU A 75 12.74 4.31 26.49
CA GLU A 75 12.82 3.89 27.88
C GLU A 75 11.88 4.76 28.70
N LEU A 76 10.68 4.25 28.94
CA LEU A 76 9.67 4.99 29.65
C LEU A 76 9.49 4.43 31.06
N TYR A 77 8.67 5.11 31.86
CA TYR A 77 8.37 4.66 33.21
C TYR A 77 6.90 4.87 33.52
N GLY A 78 6.24 3.83 34.00
CA GLY A 78 4.84 3.90 34.35
C GLY A 78 4.68 4.17 35.83
N HIS A 79 3.71 5.03 36.17
CA HIS A 79 3.47 5.40 37.55
C HIS A 79 2.05 5.08 37.98
N ALA A 80 1.89 4.80 39.27
CA ALA A 80 0.58 4.57 39.85
C ALA A 80 0.42 5.45 41.08
N VAL A 81 -0.67 6.22 41.10
CA VAL A 81 -0.94 7.17 42.16
C VAL A 81 -2.39 7.02 42.58
N SER A 82 -2.62 6.91 43.89
CA SER A 82 -3.97 6.76 44.41
C SER A 82 -4.75 8.05 44.22
N GLU A 83 -6.06 7.99 44.45
CA GLU A 83 -6.90 9.17 44.30
C GLU A 83 -6.40 10.29 45.21
N ASN A 84 -5.78 9.90 46.32
CA ASN A 84 -5.28 10.86 47.31
C ASN A 84 -4.04 11.66 46.84
N GLY A 85 -3.44 11.24 45.73
CA GLY A 85 -2.26 11.88 45.18
C GLY A 85 -0.92 11.28 45.60
N ALA A 86 -0.94 10.07 46.14
CA ALA A 86 0.27 9.41 46.63
C ALA A 86 0.67 8.22 45.74
N SER A 87 1.98 8.10 45.48
CA SER A 87 2.48 6.99 44.66
C SER A 87 2.30 5.69 45.45
N VAL A 88 1.75 4.68 44.78
CA VAL A 88 1.50 3.41 45.43
C VAL A 88 2.41 2.28 44.92
N GLU A 89 3.22 2.57 43.92
CA GLU A 89 4.17 1.61 43.38
C GLU A 89 5.43 2.34 42.97
N GLU A 90 6.57 1.65 43.04
CA GLU A 90 7.80 2.24 42.52
C GLU A 90 7.67 2.23 41.01
N PRO A 91 8.09 3.32 40.36
CA PRO A 91 7.94 3.41 38.90
C PRO A 91 8.46 2.16 38.21
N MET A 92 7.76 1.68 37.18
CA MET A 92 8.22 0.49 36.48
C MET A 92 8.71 0.91 35.10
N ASN A 93 9.84 0.33 34.69
CA ASN A 93 10.43 0.66 33.41
C ASN A 93 9.73 -0.05 32.26
N ILE A 94 9.16 0.73 31.37
CA ILE A 94 8.54 0.21 30.17
C ILE A 94 9.46 0.46 28.98
N SER A 95 10.27 -0.52 28.65
CA SER A 95 11.18 -0.42 27.52
C SER A 95 10.52 -0.90 26.23
N ILE A 96 10.49 -0.03 25.23
CA ILE A 96 9.86 -0.36 23.95
C ILE A 96 10.89 -0.35 22.84
N ILE A 97 11.25 -1.55 22.37
CA ILE A 97 12.26 -1.70 21.34
C ILE A 97 11.60 -1.79 19.97
N VAL A 98 12.14 -1.06 18.99
CA VAL A 98 11.62 -1.10 17.63
C VAL A 98 12.47 -2.02 16.75
N THR A 99 11.84 -3.06 16.20
CA THR A 99 12.53 -3.96 15.28
C THR A 99 12.60 -3.34 13.87
N ASP A 100 13.65 -3.71 13.13
CA ASP A 100 13.95 -3.07 11.85
C ASP A 100 13.25 -3.71 10.65
N GLN A 101 12.88 -2.86 9.70
CA GLN A 101 12.49 -3.28 8.37
C GLN A 101 13.48 -2.69 7.38
N ASN A 102 13.61 -3.33 6.23
CA ASN A 102 14.51 -2.84 5.20
C ASN A 102 13.81 -1.76 4.38
N ASP A 103 13.59 -0.59 4.98
CA ASP A 103 12.84 0.47 4.31
C ASP A 103 13.72 1.63 3.86
N ASN A 104 15.04 1.43 3.90
CA ASN A 104 15.97 2.46 3.44
C ASN A 104 16.94 1.93 2.41
N LYS A 105 16.97 2.56 1.23
CA LYS A 105 17.92 2.21 0.20
C LYS A 105 19.26 2.82 0.57
N PRO A 106 20.35 2.25 0.05
CA PRO A 106 21.66 2.85 0.25
C PRO A 106 21.70 4.23 -0.40
N LYS A 107 22.53 5.12 0.11
CA LYS A 107 22.70 6.45 -0.47
C LYS A 107 24.18 6.78 -0.58
N PHE A 108 24.62 7.15 -1.77
CA PHE A 108 26.02 7.54 -1.98
C PHE A 108 26.27 8.91 -1.37
N THR A 109 27.45 9.08 -0.79
CA THR A 109 27.83 10.33 -0.14
C THR A 109 27.78 11.48 -1.15
N GLN A 110 27.98 11.15 -2.42
CA GLN A 110 27.93 12.14 -3.49
C GLN A 110 27.24 11.60 -4.74
N ASP A 111 26.57 12.49 -5.46
CA ASP A 111 25.90 12.11 -6.70
C ASP A 111 26.95 11.80 -7.76
N THR A 112 28.13 12.40 -7.60
CA THR A 112 29.23 12.21 -8.53
C THR A 112 30.57 12.28 -7.80
N PHE A 113 31.43 11.29 -8.08
CA PHE A 113 32.76 11.26 -7.51
C PHE A 113 33.80 11.50 -8.59
N ARG A 114 34.81 12.32 -8.27
CA ARG A 114 35.90 12.58 -9.21
C ARG A 114 37.20 12.00 -8.66
N GLY A 115 37.92 11.31 -9.53
CA GLY A 115 39.18 10.68 -9.16
C GLY A 115 40.17 10.76 -10.30
N SER A 116 41.38 10.28 -10.06
CA SER A 116 42.42 10.35 -11.07
C SER A 116 43.41 9.20 -10.94
N VAL A 117 43.95 8.78 -12.08
CA VAL A 117 44.95 7.72 -12.12
C VAL A 117 45.93 8.03 -13.25
N LEU A 118 47.15 7.51 -13.14
CA LEU A 118 48.16 7.79 -14.14
C LEU A 118 48.08 6.84 -15.33
N GLU A 119 48.70 7.23 -16.43
CA GLU A 119 48.64 6.49 -17.69
C GLU A 119 49.32 5.11 -17.60
N GLY A 120 50.60 5.10 -17.27
CA GLY A 120 51.35 3.86 -17.22
C GLY A 120 51.27 3.10 -15.90
N VAL A 121 50.09 3.11 -15.28
CA VAL A 121 49.91 2.41 -14.01
C VAL A 121 49.77 0.90 -14.14
N MET A 122 50.44 0.18 -13.25
CA MET A 122 50.39 -1.28 -13.21
C MET A 122 49.06 -1.73 -12.58
N PRO A 123 48.44 -2.76 -13.17
CA PRO A 123 47.19 -3.31 -12.63
C PRO A 123 47.26 -3.69 -11.14
N GLY A 124 46.23 -3.30 -10.38
CA GLY A 124 46.14 -3.60 -8.97
C GLY A 124 46.29 -2.39 -8.07
N THR A 125 46.52 -1.24 -8.69
CA THR A 125 46.73 0.01 -7.95
C THR A 125 45.38 0.62 -7.60
N SER A 126 45.37 1.51 -6.60
CA SER A 126 44.14 2.18 -6.19
C SER A 126 43.97 3.52 -6.92
N VAL A 127 42.72 3.91 -7.17
CA VAL A 127 42.41 5.15 -7.89
C VAL A 127 41.66 6.12 -7.00
N MET A 128 40.48 5.71 -6.57
CA MET A 128 39.63 6.56 -5.76
C MET A 128 38.77 5.66 -4.89
N GLN A 129 37.91 6.26 -4.08
CA GLN A 129 37.03 5.48 -3.22
C GLN A 129 35.65 6.15 -3.15
N VAL A 130 34.62 5.38 -3.49
CA VAL A 130 33.25 5.86 -3.34
C VAL A 130 32.64 5.18 -2.11
N THR A 131 31.63 5.82 -1.52
CA THR A 131 31.01 5.26 -0.32
C THR A 131 29.52 5.56 -0.27
N ALA A 132 28.75 4.55 0.13
CA ALA A 132 27.31 4.69 0.30
C ALA A 132 26.91 4.15 1.67
N THR A 133 25.83 4.72 2.20
CA THR A 133 25.42 4.42 3.57
C THR A 133 23.98 3.91 3.60
N ASP A 134 23.73 2.93 4.45
CA ASP A 134 22.37 2.45 4.65
C ASP A 134 21.98 2.68 6.10
N GLU A 135 20.88 3.37 6.32
CA GLU A 135 20.47 3.73 7.67
C GLU A 135 19.73 2.60 8.37
N ASP A 136 19.62 1.45 7.71
CA ASP A 136 18.98 0.29 8.30
C ASP A 136 19.93 -0.45 9.25
N ASP A 137 19.40 -1.48 9.91
CA ASP A 137 20.17 -2.25 10.87
C ASP A 137 21.25 -3.08 10.15
N ALA A 138 22.50 -2.91 10.57
CA ALA A 138 23.61 -3.64 9.97
C ALA A 138 24.26 -4.61 10.97
N VAL A 139 23.65 -4.73 12.15
CA VAL A 139 24.18 -5.58 13.21
C VAL A 139 23.38 -6.87 13.30
N ASN A 140 22.07 -6.74 13.49
CA ASN A 140 21.18 -7.89 13.64
C ASN A 140 20.73 -8.45 12.29
N THR A 141 20.63 -7.57 11.30
CA THR A 141 20.24 -7.96 9.95
C THR A 141 21.26 -7.44 8.95
N TYR A 142 20.98 -7.66 7.66
CA TYR A 142 21.81 -7.13 6.59
C TYR A 142 21.08 -5.99 5.88
N ASN A 143 19.97 -5.54 6.45
CA ASN A 143 19.20 -4.45 5.85
C ASN A 143 20.07 -3.21 5.64
N GLY A 144 21.14 -3.10 6.42
CA GLY A 144 22.02 -1.95 6.33
C GLY A 144 23.41 -2.24 5.77
N VAL A 145 23.72 -3.52 5.56
CA VAL A 145 25.04 -3.89 5.04
C VAL A 145 25.11 -3.69 3.51
N VAL A 146 26.03 -2.82 3.08
CA VAL A 146 26.14 -2.42 1.68
C VAL A 146 27.24 -3.15 0.92
N ALA A 147 26.94 -3.53 -0.32
CA ALA A 147 27.91 -4.17 -1.22
C ALA A 147 28.05 -3.33 -2.48
N TYR A 148 29.29 -3.17 -2.96
CA TYR A 148 29.58 -2.31 -4.11
C TYR A 148 29.85 -3.07 -5.41
N SER A 149 29.54 -2.43 -6.54
CA SER A 149 29.76 -3.00 -7.86
C SER A 149 29.76 -1.91 -8.93
N ILE A 150 30.08 -2.28 -10.17
CA ILE A 150 30.04 -1.35 -11.30
C ILE A 150 29.00 -1.75 -12.35
N HIS A 151 28.06 -0.85 -12.61
CA HIS A 151 26.98 -1.11 -13.56
C HIS A 151 27.45 -0.96 -15.01
N SER A 152 28.21 0.10 -15.30
CA SER A 152 28.68 0.32 -16.66
C SER A 152 29.96 1.16 -16.71
N GLN A 153 30.62 1.12 -17.86
CA GLN A 153 31.82 1.91 -18.09
C GLN A 153 31.77 2.54 -19.48
N GLU A 154 31.92 3.85 -19.55
CA GLU A 154 31.89 4.55 -20.83
C GLU A 154 33.12 5.45 -20.99
N PRO A 155 33.86 5.29 -22.11
CA PRO A 155 33.63 4.32 -23.18
C PRO A 155 34.16 2.94 -22.81
N LYS A 156 33.90 1.94 -23.65
CA LYS A 156 34.35 0.58 -23.39
C LYS A 156 35.61 0.26 -24.19
N GLU A 157 36.41 1.30 -24.44
CA GLU A 157 37.67 1.14 -25.15
C GLU A 157 38.82 1.54 -24.23
N PRO A 158 39.95 0.82 -24.30
CA PRO A 158 40.23 -0.30 -25.19
C PRO A 158 39.52 -1.60 -24.80
N HIS A 159 39.20 -1.74 -23.52
CA HIS A 159 38.49 -2.92 -23.03
C HIS A 159 37.28 -2.52 -22.22
N ASP A 160 36.39 -3.48 -21.98
CA ASP A 160 35.17 -3.21 -21.23
C ASP A 160 35.40 -3.35 -19.72
N LEU A 161 36.47 -4.02 -19.34
CA LEU A 161 36.78 -4.23 -17.92
C LEU A 161 38.10 -3.56 -17.57
N MET A 162 38.11 -2.23 -17.55
CA MET A 162 39.33 -1.49 -17.26
C MET A 162 39.51 -1.26 -15.76
N PHE A 163 38.40 -1.27 -15.02
CA PHE A 163 38.45 -1.04 -13.59
C PHE A 163 37.75 -2.15 -12.81
N THR A 164 37.83 -2.05 -11.49
CA THR A 164 37.16 -2.98 -10.58
C THR A 164 36.89 -2.23 -9.29
N ILE A 165 36.02 -2.79 -8.45
CA ILE A 165 35.70 -2.15 -7.18
C ILE A 165 35.59 -3.22 -6.09
N HIS A 166 36.15 -2.93 -4.92
CA HIS A 166 36.07 -3.85 -3.81
C HIS A 166 34.63 -3.85 -3.28
N LYS A 167 34.04 -5.03 -3.16
CA LYS A 167 32.62 -5.14 -2.86
C LYS A 167 32.27 -4.59 -1.48
N SER A 168 33.26 -4.47 -0.60
CA SER A 168 33.02 -4.05 0.79
C SER A 168 33.45 -2.62 1.10
N THR A 169 34.62 -2.21 0.61
CA THR A 169 35.19 -0.91 0.95
C THR A 169 34.78 0.16 -0.07
N GLY A 170 34.60 -0.27 -1.32
CA GLY A 170 34.13 0.60 -2.37
C GLY A 170 35.24 1.45 -2.98
N THR A 171 36.46 0.94 -2.94
CA THR A 171 37.60 1.62 -3.56
C THR A 171 37.86 1.06 -4.95
N ILE A 172 37.89 1.95 -5.94
CA ILE A 172 38.07 1.55 -7.32
C ILE A 172 39.55 1.29 -7.63
N SER A 173 39.81 0.18 -8.32
CA SER A 173 41.17 -0.21 -8.66
C SER A 173 41.30 -0.46 -10.16
N VAL A 174 42.50 -0.25 -10.70
CA VAL A 174 42.77 -0.58 -12.10
C VAL A 174 43.01 -2.09 -12.17
N ILE A 175 42.21 -2.78 -12.96
CA ILE A 175 42.31 -4.24 -13.08
C ILE A 175 43.12 -4.58 -14.33
N SER A 176 43.08 -3.69 -15.31
CA SER A 176 43.73 -3.93 -16.59
C SER A 176 44.63 -2.76 -17.00
N SER A 177 45.75 -3.08 -17.60
CA SER A 177 46.65 -2.07 -18.15
C SER A 177 46.10 -1.60 -19.49
N GLY A 178 46.77 -0.61 -20.10
CA GLY A 178 46.36 -0.11 -21.39
C GLY A 178 45.71 1.26 -21.30
N LEU A 179 45.99 1.98 -20.21
CA LEU A 179 45.47 3.34 -20.05
C LEU A 179 46.30 4.29 -20.90
N ASP A 180 45.61 5.14 -21.66
CA ASP A 180 46.28 6.08 -22.54
C ASP A 180 45.55 7.42 -22.53
N ARG A 181 46.29 8.47 -22.19
CA ARG A 181 45.73 9.81 -22.11
C ARG A 181 45.40 10.33 -23.52
N GLU A 182 46.24 9.98 -24.48
CA GLU A 182 46.06 10.40 -25.87
C GLU A 182 44.82 9.79 -26.51
N LYS A 183 44.44 8.61 -26.05
CA LYS A 183 43.28 7.90 -26.57
C LYS A 183 41.99 8.29 -25.84
N VAL A 184 41.97 8.03 -24.53
CA VAL A 184 40.79 8.32 -23.72
C VAL A 184 41.17 9.16 -22.49
N PRO A 185 40.61 10.37 -22.39
CA PRO A 185 40.90 11.27 -21.27
C PRO A 185 40.05 11.00 -20.03
N GLU A 186 38.78 10.66 -20.22
CA GLU A 186 37.86 10.45 -19.10
C GLU A 186 37.20 9.09 -19.17
N TYR A 187 36.90 8.56 -17.99
CA TYR A 187 36.16 7.31 -17.87
C TYR A 187 34.97 7.54 -16.94
N ARG A 188 33.76 7.53 -17.50
CA ARG A 188 32.56 7.72 -16.71
C ARG A 188 32.01 6.37 -16.24
N LEU A 189 32.36 6.02 -15.01
CA LEU A 189 31.85 4.79 -14.39
C LEU A 189 30.59 5.14 -13.62
N THR A 190 29.59 4.28 -13.70
CA THR A 190 28.42 4.42 -12.85
C THR A 190 28.49 3.32 -11.80
N VAL A 191 28.89 3.67 -10.58
CA VAL A 191 29.07 2.69 -9.52
C VAL A 191 27.75 2.44 -8.82
N GLN A 192 27.65 1.28 -8.17
CA GLN A 192 26.41 0.83 -7.57
C GLN A 192 26.60 0.38 -6.13
N ALA A 193 25.66 0.78 -5.27
CA ALA A 193 25.64 0.32 -3.88
C ALA A 193 24.31 -0.35 -3.62
N THR A 194 24.36 -1.62 -3.22
CA THR A 194 23.15 -2.38 -2.94
C THR A 194 23.23 -3.03 -1.55
N ASP A 195 22.14 -2.91 -0.78
CA ASP A 195 22.09 -3.47 0.57
C ASP A 195 21.85 -4.98 0.55
N MET A 196 21.63 -5.56 1.73
CA MET A 196 21.48 -7.02 1.85
C MET A 196 22.76 -7.72 1.43
N ASP A 197 23.88 -7.01 1.55
CA ASP A 197 25.19 -7.53 1.16
C ASP A 197 25.22 -7.95 -0.31
N GLY A 198 24.40 -7.28 -1.13
CA GLY A 198 24.39 -7.50 -2.56
C GLY A 198 23.11 -8.08 -3.13
N GLU A 199 22.17 -8.45 -2.26
CA GLU A 199 20.98 -9.17 -2.68
C GLU A 199 19.71 -8.33 -2.61
N GLY A 200 19.81 -7.07 -2.24
CA GLY A 200 18.63 -6.28 -1.95
C GLY A 200 18.43 -5.10 -2.89
N SER A 201 17.84 -4.03 -2.37
CA SER A 201 17.57 -2.85 -3.19
C SER A 201 18.87 -2.12 -3.47
N THR A 202 18.91 -1.41 -4.60
CA THR A 202 20.15 -0.81 -5.06
C THR A 202 19.96 0.66 -5.42
N THR A 203 21.05 1.42 -5.39
CA THR A 203 21.08 2.77 -5.88
C THR A 203 22.41 2.96 -6.57
N THR A 204 22.52 4.00 -7.40
CA THR A 204 23.74 4.21 -8.17
C THR A 204 24.16 5.67 -8.25
N ALA A 205 25.46 5.89 -8.38
CA ALA A 205 26.00 7.22 -8.58
C ALA A 205 27.15 7.13 -9.57
N GLU A 206 27.63 8.27 -10.04
CA GLU A 206 28.66 8.31 -11.06
C GLU A 206 30.04 8.61 -10.48
N ALA A 207 31.06 8.00 -11.06
CA ALA A 207 32.44 8.23 -10.66
C ALA A 207 33.29 8.46 -11.90
N VAL A 208 33.74 9.71 -12.07
CA VAL A 208 34.50 10.11 -13.25
C VAL A 208 36.01 10.02 -13.00
N VAL A 209 36.70 9.23 -13.80
CA VAL A 209 38.15 9.08 -13.65
C VAL A 209 38.91 9.72 -14.81
N GLN A 210 39.60 10.82 -14.52
CA GLN A 210 40.47 11.46 -15.50
C GLN A 210 41.84 10.81 -15.45
N ILE A 211 42.42 10.56 -16.62
CA ILE A 211 43.74 9.95 -16.70
C ILE A 211 44.82 11.02 -16.85
N LEU A 212 45.96 10.78 -16.21
CA LEU A 212 47.00 11.79 -16.07
C LEU A 212 48.37 11.32 -16.58
N ASP A 213 49.03 12.17 -17.35
CA ASP A 213 50.37 11.86 -17.86
C ASP A 213 51.41 12.10 -16.78
N GLU B 1 2.31 -3.66 44.78
CA GLU B 1 2.78 -4.68 43.80
C GLU B 1 2.14 -4.48 42.43
N TRP B 2 2.95 -4.49 41.37
CA TRP B 2 2.39 -4.53 40.04
C TRP B 2 1.89 -5.94 39.76
N VAL B 3 0.71 -6.03 39.17
CA VAL B 3 0.10 -7.29 38.83
C VAL B 3 -0.35 -7.30 37.37
N MET B 4 -0.43 -8.48 36.77
CA MET B 4 -0.89 -8.57 35.40
C MET B 4 -2.40 -8.34 35.42
N PRO B 5 -2.90 -7.48 34.53
CA PRO B 5 -4.34 -7.21 34.43
C PRO B 5 -5.10 -8.37 33.83
N PRO B 6 -6.40 -8.49 34.12
CA PRO B 6 -7.12 -9.60 33.51
C PRO B 6 -7.02 -9.51 32.00
N ILE B 7 -7.19 -10.62 31.31
CA ILE B 7 -7.08 -10.63 29.86
C ILE B 7 -8.44 -10.91 29.24
N PHE B 8 -8.94 -9.96 28.47
CA PHE B 8 -10.21 -10.15 27.79
C PHE B 8 -9.97 -10.70 26.40
N VAL B 9 -10.64 -11.81 26.12
CA VAL B 9 -10.50 -12.50 24.85
C VAL B 9 -11.88 -12.81 24.30
N PRO B 10 -12.23 -12.16 23.18
CA PRO B 10 -13.55 -12.42 22.59
C PRO B 10 -13.67 -13.86 22.12
N GLU B 11 -14.82 -14.47 22.35
CA GLU B 11 -15.05 -15.86 21.96
C GLU B 11 -15.02 -15.99 20.44
N ASN B 12 -14.86 -17.23 19.97
CA ASN B 12 -14.86 -17.49 18.54
C ASN B 12 -13.81 -16.67 17.82
N GLY B 13 -12.55 -16.74 18.26
CA GLY B 13 -11.52 -15.96 17.60
C GLY B 13 -11.07 -16.69 16.34
N LYS B 14 -10.94 -15.90 15.28
CA LYS B 14 -10.55 -16.40 13.96
C LYS B 14 -9.05 -16.42 13.70
N GLY B 15 -8.26 -15.71 14.51
CA GLY B 15 -6.86 -15.53 14.18
C GLY B 15 -6.14 -16.87 14.22
N PRO B 16 -4.83 -16.86 13.95
CA PRO B 16 -4.12 -18.14 13.93
C PRO B 16 -3.71 -18.56 15.33
N PHE B 17 -3.51 -19.86 15.53
CA PHE B 17 -3.18 -20.37 16.85
C PHE B 17 -1.84 -21.11 16.78
N PRO B 18 -1.06 -21.09 17.87
CA PRO B 18 -1.46 -20.43 19.13
C PRO B 18 -1.44 -18.93 19.03
N GLN B 19 -2.18 -18.28 19.92
CA GLN B 19 -2.22 -16.84 19.99
C GLN B 19 -1.44 -16.39 21.21
N ARG B 20 -0.64 -15.34 21.05
CA ARG B 20 0.07 -14.77 22.19
C ARG B 20 -0.85 -13.79 22.89
N LEU B 21 -1.15 -14.06 24.15
CA LEU B 21 -2.00 -13.17 24.92
C LEU B 21 -1.15 -12.13 25.65
N ASN B 22 -0.27 -12.57 26.53
CA ASN B 22 0.62 -11.67 27.25
C ASN B 22 1.95 -12.35 27.56
N GLN B 23 2.85 -11.65 28.24
CA GLN B 23 4.15 -12.22 28.56
C GLN B 23 4.56 -11.92 30.01
N LEU B 24 5.01 -12.95 30.70
CA LEU B 24 5.47 -12.83 32.09
C LEU B 24 6.97 -12.59 32.15
N LYS B 25 7.42 -11.96 33.22
CA LYS B 25 8.84 -11.71 33.44
C LYS B 25 9.16 -11.53 34.91
N SER B 26 10.20 -12.20 35.38
CA SER B 26 10.72 -11.98 36.73
C SER B 26 12.01 -11.17 36.68
N ASN B 27 12.06 -10.04 37.38
CA ASN B 27 13.24 -9.17 37.34
C ASN B 27 14.49 -9.86 37.88
N LYS B 28 14.33 -11.08 38.39
CA LYS B 28 15.46 -11.88 38.83
C LYS B 28 16.14 -12.59 37.65
N ASP B 29 15.81 -12.15 36.44
CA ASP B 29 16.51 -12.60 35.24
C ASP B 29 17.97 -12.16 35.29
N ARG B 30 18.23 -11.03 35.95
CA ARG B 30 19.58 -10.48 36.07
C ARG B 30 20.54 -11.40 36.81
N GLY B 31 20.04 -12.09 37.84
CA GLY B 31 20.88 -12.92 38.69
C GLY B 31 20.97 -14.36 38.22
N THR B 32 19.84 -14.93 37.81
CA THR B 32 19.78 -16.33 37.40
C THR B 32 18.83 -16.58 36.23
N LYS B 33 19.05 -17.69 35.53
CA LYS B 33 18.16 -18.14 34.46
C LYS B 33 16.83 -18.59 35.06
N ILE B 34 15.72 -18.00 34.61
CA ILE B 34 14.41 -18.29 35.18
C ILE B 34 13.48 -19.04 34.21
N PHE B 35 12.65 -19.92 34.76
CA PHE B 35 11.74 -20.74 33.96
C PHE B 35 10.28 -20.52 34.39
N TYR B 36 9.38 -20.33 33.44
CA TYR B 36 8.00 -19.97 33.74
C TYR B 36 7.02 -21.11 33.50
N SER B 37 5.92 -21.09 34.24
CA SER B 37 4.92 -22.14 34.16
C SER B 37 3.56 -21.61 34.60
N ILE B 38 2.49 -22.31 34.22
CA ILE B 38 1.15 -21.93 34.66
C ILE B 38 0.35 -23.16 35.05
N THR B 39 -0.54 -22.98 36.03
CA THR B 39 -1.39 -24.06 36.51
C THR B 39 -2.81 -23.56 36.77
N GLY B 40 -3.77 -24.49 36.85
CA GLY B 40 -5.16 -24.17 37.09
C GLY B 40 -6.06 -24.76 36.02
N PRO B 41 -7.39 -24.74 36.26
CA PRO B 41 -8.35 -25.22 35.27
C PRO B 41 -8.24 -24.47 33.96
N GLY B 42 -7.71 -25.14 32.94
CA GLY B 42 -7.45 -24.51 31.66
C GLY B 42 -6.01 -24.76 31.20
N ALA B 43 -5.14 -25.06 32.17
CA ALA B 43 -3.74 -25.35 31.86
C ALA B 43 -3.40 -26.82 32.11
N ASP B 44 -3.21 -27.17 33.38
CA ASP B 44 -2.86 -28.55 33.75
C ASP B 44 -4.09 -29.31 34.26
N SER B 45 -5.12 -28.57 34.64
CA SER B 45 -6.39 -29.19 35.06
C SER B 45 -7.41 -29.07 33.92
N PRO B 46 -8.43 -29.93 33.93
CA PRO B 46 -9.49 -29.93 32.91
C PRO B 46 -10.26 -28.61 32.83
N PRO B 47 -10.46 -28.06 31.61
CA PRO B 47 -10.00 -28.58 30.32
C PRO B 47 -8.51 -28.31 30.07
N GLU B 48 -7.71 -29.37 30.03
CA GLU B 48 -6.26 -29.24 29.92
C GLU B 48 -5.82 -28.78 28.53
N GLY B 49 -4.78 -27.95 28.51
CA GLY B 49 -4.10 -27.59 27.27
C GLY B 49 -4.55 -26.32 26.59
N VAL B 50 -5.64 -25.72 27.06
CA VAL B 50 -6.17 -24.51 26.45
C VAL B 50 -5.16 -23.38 26.57
N PHE B 51 -4.61 -23.22 27.77
CA PHE B 51 -3.59 -22.21 28.01
C PHE B 51 -2.26 -22.86 28.40
N THR B 52 -1.19 -22.45 27.73
CA THR B 52 0.16 -22.90 28.07
C THR B 52 1.09 -21.71 28.18
N ILE B 53 2.34 -21.94 28.56
CA ILE B 53 3.31 -20.86 28.67
C ILE B 53 4.70 -21.34 28.28
N GLU B 54 5.34 -20.61 27.38
CA GLU B 54 6.69 -20.96 26.93
C GLU B 54 7.65 -20.86 28.11
N LYS B 55 8.33 -21.98 28.39
CA LYS B 55 9.06 -22.14 29.64
C LYS B 55 10.13 -21.07 29.83
N GLU B 56 10.76 -20.63 28.73
CA GLU B 56 11.87 -19.69 28.85
C GLU B 56 11.52 -18.23 28.54
N SER B 57 10.52 -17.99 27.70
CA SER B 57 10.17 -16.62 27.30
C SER B 57 9.05 -16.05 28.16
N GLY B 58 8.18 -16.93 28.64
CA GLY B 58 7.09 -16.52 29.51
C GLY B 58 5.90 -16.02 28.71
N TRP B 59 5.76 -16.48 27.48
CA TRP B 59 4.62 -16.09 26.67
C TRP B 59 3.40 -16.95 26.99
N LEU B 60 2.32 -16.30 27.38
CA LEU B 60 1.06 -16.97 27.62
C LEU B 60 0.45 -17.29 26.26
N LEU B 61 0.06 -18.54 26.05
CA LEU B 61 -0.45 -18.96 24.75
C LEU B 61 -1.85 -19.57 24.81
N LEU B 62 -2.65 -19.23 23.81
CA LEU B 62 -3.99 -19.79 23.63
C LEU B 62 -4.04 -20.63 22.37
N HIS B 63 -4.42 -21.89 22.50
CA HIS B 63 -4.35 -22.82 21.36
C HIS B 63 -5.68 -23.09 20.66
N MET B 64 -6.78 -22.62 21.24
CA MET B 64 -8.08 -22.89 20.67
CA MET B 64 -8.06 -22.87 20.76
C MET B 64 -9.02 -21.70 20.80
N PRO B 65 -9.87 -21.47 19.78
CA PRO B 65 -10.89 -20.43 19.91
C PRO B 65 -11.74 -20.70 21.13
N LEU B 66 -12.04 -19.68 21.92
CA LEU B 66 -12.78 -19.91 23.15
C LEU B 66 -14.28 -19.81 22.91
N ASP B 67 -15.03 -20.48 23.78
CA ASP B 67 -16.49 -20.44 23.74
C ASP B 67 -16.92 -19.92 25.09
N ARG B 68 -17.54 -18.75 25.11
CA ARG B 68 -17.88 -18.11 26.36
C ARG B 68 -18.96 -18.91 27.07
N GLU B 69 -19.84 -19.51 26.29
CA GLU B 69 -20.95 -20.29 26.83
C GLU B 69 -20.42 -21.50 27.59
N LYS B 70 -19.22 -21.94 27.26
CA LYS B 70 -18.62 -23.07 27.95
C LYS B 70 -17.93 -22.60 29.23
N ILE B 71 -16.89 -21.78 29.09
CA ILE B 71 -16.25 -21.15 30.25
C ILE B 71 -16.12 -19.63 30.07
N VAL B 72 -16.75 -18.87 30.96
CA VAL B 72 -16.68 -17.41 30.88
C VAL B 72 -15.33 -16.86 31.36
N LYS B 73 -14.76 -17.44 32.41
CA LYS B 73 -13.52 -16.93 32.99
C LYS B 73 -12.64 -18.06 33.50
N TYR B 74 -11.35 -17.96 33.17
CA TYR B 74 -10.36 -18.93 33.63
C TYR B 74 -9.52 -18.27 34.71
N GLU B 75 -9.20 -19.02 35.75
CA GLU B 75 -8.36 -18.50 36.82
C GLU B 75 -7.08 -19.33 36.90
N LEU B 76 -6.03 -18.83 36.27
CA LEU B 76 -4.77 -19.54 36.22
C LEU B 76 -3.76 -18.87 37.13
N TYR B 77 -2.59 -19.50 37.27
CA TYR B 77 -1.52 -18.93 38.09
C TYR B 77 -0.17 -19.15 37.41
N GLY B 78 0.59 -18.09 37.27
CA GLY B 78 1.91 -18.17 36.68
C GLY B 78 2.99 -18.30 37.73
N HIS B 79 3.99 -19.13 37.44
CA HIS B 79 5.07 -19.38 38.39
C HIS B 79 6.42 -19.03 37.79
N ALA B 80 7.36 -18.63 38.64
CA ALA B 80 8.73 -18.37 38.19
C ALA B 80 9.68 -19.17 39.07
N VAL B 81 10.53 -19.97 38.43
CA VAL B 81 11.42 -20.87 39.16
C VAL B 81 12.82 -20.85 38.57
N SER B 82 13.81 -20.65 39.44
CA SER B 82 15.21 -20.66 39.04
C SER B 82 15.63 -22.08 38.68
N GLU B 83 16.83 -22.23 38.14
CA GLU B 83 17.34 -23.55 37.78
C GLU B 83 17.27 -24.50 38.98
N ASN B 84 17.28 -23.93 40.18
CA ASN B 84 17.28 -24.71 41.41
C ASN B 84 15.98 -25.49 41.63
N GLY B 85 14.95 -25.13 40.89
CA GLY B 85 13.65 -25.78 41.04
C GLY B 85 12.81 -25.04 42.06
N ALA B 86 13.44 -24.14 42.81
CA ALA B 86 12.73 -23.37 43.85
C ALA B 86 12.14 -22.11 43.27
N SER B 87 10.91 -21.79 43.66
CA SER B 87 10.21 -20.59 43.17
C SER B 87 10.88 -19.32 43.67
N VAL B 88 11.06 -18.38 42.75
CA VAL B 88 11.72 -17.11 43.05
C VAL B 88 10.70 -15.96 43.06
N GLU B 89 9.45 -16.29 42.77
CA GLU B 89 8.36 -15.32 42.81
C GLU B 89 7.12 -15.95 43.39
N GLU B 90 6.29 -15.13 44.03
CA GLU B 90 5.00 -15.58 44.51
C GLU B 90 4.10 -15.77 43.29
N PRO B 91 3.31 -16.85 43.27
CA PRO B 91 2.45 -17.09 42.12
C PRO B 91 1.68 -15.84 41.70
N MET B 92 1.52 -15.65 40.39
CA MET B 92 0.82 -14.50 39.85
C MET B 92 -0.55 -14.93 39.32
N ASN B 93 -1.58 -14.15 39.62
CA ASN B 93 -2.92 -14.44 39.17
C ASN B 93 -3.14 -13.98 37.73
N ILE B 94 -3.38 -14.94 36.84
CA ILE B 94 -3.73 -14.63 35.46
C ILE B 94 -5.21 -14.88 35.19
N SER B 95 -6.02 -13.84 35.28
CA SER B 95 -7.45 -13.98 35.01
C SER B 95 -7.74 -13.76 33.53
N ILE B 96 -8.33 -14.75 32.88
CA ILE B 96 -8.65 -14.63 31.46
C ILE B 96 -10.15 -14.72 31.25
N ILE B 97 -10.77 -13.58 30.98
CA ILE B 97 -12.21 -13.50 30.77
C ILE B 97 -12.59 -13.51 29.28
N VAL B 98 -13.60 -14.28 28.93
CA VAL B 98 -14.06 -14.37 27.55
C VAL B 98 -15.26 -13.45 27.31
N THR B 99 -15.12 -12.53 26.36
CA THR B 99 -16.21 -11.63 25.97
C THR B 99 -17.24 -12.35 25.10
N ASP B 100 -18.50 -11.94 25.21
CA ASP B 100 -19.60 -12.63 24.54
C ASP B 100 -19.90 -12.12 23.14
N GLN B 101 -20.27 -13.05 22.26
CA GLN B 101 -20.90 -12.73 20.98
C GLN B 101 -22.28 -13.38 20.95
N ASN B 102 -23.20 -12.81 20.19
CA ASN B 102 -24.55 -13.36 20.09
C ASN B 102 -24.59 -14.51 19.08
N ASP B 103 -24.00 -15.64 19.47
CA ASP B 103 -23.90 -16.79 18.58
C ASP B 103 -24.86 -17.91 18.99
N ASN B 104 -25.82 -17.60 19.85
CA ASN B 104 -26.85 -18.56 20.26
C ASN B 104 -28.27 -18.00 20.12
N LYS B 105 -29.12 -18.72 19.38
CA LYS B 105 -30.54 -18.37 19.28
C LYS B 105 -31.28 -18.86 20.52
N PRO B 106 -32.42 -18.24 20.84
CA PRO B 106 -33.25 -18.77 21.93
C PRO B 106 -33.80 -20.16 21.57
N LYS B 107 -34.02 -21.00 22.58
CA LYS B 107 -34.59 -22.32 22.37
C LYS B 107 -35.64 -22.61 23.44
N PHE B 108 -36.83 -23.01 23.01
CA PHE B 108 -37.89 -23.36 23.96
C PHE B 108 -37.58 -24.69 24.63
N THR B 109 -37.92 -24.77 25.92
CA THR B 109 -37.66 -25.97 26.71
C THR B 109 -38.39 -27.18 26.09
N GLN B 110 -39.54 -26.92 25.47
CA GLN B 110 -40.31 -27.97 24.82
C GLN B 110 -40.89 -27.46 23.50
N ASP B 111 -41.08 -28.38 22.56
CA ASP B 111 -41.66 -28.02 21.27
C ASP B 111 -43.12 -27.63 21.44
N THR B 112 -43.75 -28.14 22.50
CA THR B 112 -45.16 -27.85 22.77
C THR B 112 -45.50 -27.79 24.26
N PHE B 113 -46.22 -26.73 24.63
CA PHE B 113 -46.69 -26.52 26.01
C PHE B 113 -48.21 -26.70 26.07
N ARG B 114 -48.70 -27.36 27.12
CA ARG B 114 -50.14 -27.57 27.28
C ARG B 114 -50.68 -26.83 28.51
N GLY B 115 -51.79 -26.12 28.34
CA GLY B 115 -52.42 -25.36 29.43
C GLY B 115 -53.94 -25.34 29.32
N SER B 116 -54.61 -24.73 30.30
CA SER B 116 -56.08 -24.68 30.30
C SER B 116 -56.62 -23.46 31.04
N VAL B 117 -57.76 -22.96 30.58
CA VAL B 117 -58.42 -21.82 31.21
C VAL B 117 -59.95 -21.96 31.13
N LEU B 118 -60.65 -21.31 32.07
CA LEU B 118 -62.10 -21.42 32.21
C LEU B 118 -62.89 -20.42 31.36
N GLU B 119 -64.21 -20.63 31.28
CA GLU B 119 -65.09 -19.86 30.41
C GLU B 119 -65.20 -18.36 30.67
N GLY B 120 -65.68 -17.98 31.85
CA GLY B 120 -65.91 -16.58 32.16
C GLY B 120 -64.79 -15.93 32.94
N VAL B 121 -63.55 -16.24 32.58
CA VAL B 121 -62.41 -15.69 33.28
C VAL B 121 -62.20 -14.22 32.87
N MET B 122 -61.90 -13.37 33.86
CA MET B 122 -61.70 -11.94 33.62
C MET B 122 -60.34 -11.65 32.99
N PRO B 123 -60.30 -10.74 31.99
CA PRO B 123 -59.02 -10.37 31.36
C PRO B 123 -57.95 -9.98 32.39
N GLY B 124 -56.75 -10.51 32.20
CA GLY B 124 -55.64 -10.27 33.11
C GLY B 124 -55.26 -11.51 33.91
N THR B 125 -56.01 -12.59 33.68
CA THR B 125 -55.78 -13.85 34.38
C THR B 125 -54.67 -14.69 33.75
N SER B 126 -54.18 -15.65 34.52
CA SER B 126 -53.14 -16.56 34.07
C SER B 126 -53.73 -17.86 33.53
N VAL B 127 -53.08 -18.40 32.50
CA VAL B 127 -53.52 -19.64 31.87
C VAL B 127 -52.42 -20.67 32.03
N MET B 128 -51.27 -20.36 31.45
CA MET B 128 -50.11 -21.25 31.46
C MET B 128 -48.85 -20.41 31.36
N GLN B 129 -47.70 -21.07 31.35
CA GLN B 129 -46.43 -20.38 31.24
C GLN B 129 -45.46 -21.16 30.36
N VAL B 130 -44.97 -20.52 29.30
CA VAL B 130 -43.96 -21.11 28.42
C VAL B 130 -42.60 -20.48 28.73
N THR B 131 -41.52 -21.19 28.42
CA THR B 131 -40.18 -20.68 28.70
C THR B 131 -39.15 -21.08 27.64
N ALA B 132 -38.30 -20.12 27.28
CA ALA B 132 -37.20 -20.36 26.36
C ALA B 132 -35.91 -19.79 26.95
N THR B 133 -34.78 -20.40 26.60
CA THR B 133 -33.50 -20.02 27.18
C THR B 133 -32.49 -19.65 26.11
N ASP B 134 -31.73 -18.59 26.35
CA ASP B 134 -30.64 -18.21 25.45
C ASP B 134 -29.35 -18.25 26.25
N GLU B 135 -28.38 -19.02 25.78
CA GLU B 135 -27.17 -19.26 26.54
C GLU B 135 -26.13 -18.14 26.41
N ASP B 136 -26.49 -17.06 25.72
CA ASP B 136 -25.58 -15.93 25.57
C ASP B 136 -25.59 -15.06 26.83
N ASP B 137 -24.73 -14.05 26.84
CA ASP B 137 -24.59 -13.18 28.00
C ASP B 137 -25.86 -12.36 28.19
N ALA B 138 -26.44 -12.45 29.39
CA ALA B 138 -27.68 -11.76 29.70
C ALA B 138 -27.50 -10.69 30.78
N VAL B 139 -26.24 -10.45 31.16
CA VAL B 139 -25.93 -9.47 32.20
C VAL B 139 -25.39 -8.16 31.63
N ASN B 140 -24.28 -8.26 30.90
CA ASN B 140 -23.61 -7.09 30.34
C ASN B 140 -24.20 -6.68 29.01
N THR B 141 -24.75 -7.66 28.29
CA THR B 141 -25.35 -7.40 26.99
C THR B 141 -26.79 -7.90 26.94
N TYR B 142 -27.43 -7.74 25.79
CA TYR B 142 -28.79 -8.24 25.60
C TYR B 142 -28.76 -9.46 24.69
N ASN B 143 -27.57 -9.95 24.39
CA ASN B 143 -27.42 -11.11 23.53
C ASN B 143 -28.17 -12.32 24.06
N GLY B 144 -28.37 -12.37 25.37
CA GLY B 144 -29.03 -13.51 26.01
C GLY B 144 -30.40 -13.21 26.60
N VAL B 145 -30.80 -11.94 26.57
CA VAL B 145 -32.08 -11.52 27.13
C VAL B 145 -33.22 -11.89 26.17
N VAL B 146 -34.13 -12.74 26.65
CA VAL B 146 -35.20 -13.24 25.80
C VAL B 146 -36.49 -12.46 25.98
N ALA B 147 -37.17 -12.18 24.87
CA ALA B 147 -38.46 -11.49 24.88
C ALA B 147 -39.52 -12.36 24.24
N TYR B 148 -40.72 -12.40 24.83
CA TYR B 148 -41.79 -13.27 24.36
C TYR B 148 -42.88 -12.52 23.61
N SER B 149 -43.52 -13.21 22.66
CA SER B 149 -44.62 -12.65 21.89
C SER B 149 -45.43 -13.78 21.25
N ILE B 150 -46.53 -13.43 20.61
CA ILE B 150 -47.37 -14.42 19.92
C ILE B 150 -47.39 -14.18 18.42
N HIS B 151 -47.00 -15.19 17.66
CA HIS B 151 -46.91 -15.06 16.21
C HIS B 151 -48.30 -15.16 15.55
N SER B 152 -49.08 -16.15 15.98
CA SER B 152 -50.40 -16.37 15.40
C SER B 152 -51.32 -17.12 16.36
N GLN B 153 -52.62 -17.12 16.05
CA GLN B 153 -53.61 -17.85 16.84
C GLN B 153 -54.59 -18.56 15.92
N GLU B 154 -54.76 -19.86 16.12
CA GLU B 154 -55.71 -20.65 15.35
C GLU B 154 -56.62 -21.44 16.29
N PRO B 155 -57.95 -21.34 16.09
CA PRO B 155 -58.59 -20.51 15.06
C PRO B 155 -58.66 -19.05 15.49
N LYS B 156 -59.10 -18.19 14.59
CA LYS B 156 -59.19 -16.75 14.88
C LYS B 156 -60.61 -16.36 15.25
N GLU B 157 -61.34 -17.30 15.85
CA GLU B 157 -62.69 -17.06 16.32
C GLU B 157 -62.77 -17.25 17.83
N PRO B 158 -63.56 -16.41 18.52
CA PRO B 158 -64.38 -15.35 17.94
C PRO B 158 -63.58 -14.12 17.51
N HIS B 159 -62.42 -13.92 18.14
CA HIS B 159 -61.55 -12.80 17.81
C HIS B 159 -60.14 -13.31 17.54
N ASP B 160 -59.31 -12.46 16.93
CA ASP B 160 -57.94 -12.83 16.59
C ASP B 160 -56.99 -12.56 17.75
N LEU B 161 -57.44 -11.77 18.71
CA LEU B 161 -56.65 -11.42 19.88
C LEU B 161 -57.30 -11.96 21.16
N MET B 162 -57.28 -13.28 21.31
CA MET B 162 -57.91 -13.92 22.46
C MET B 162 -56.94 -14.08 23.65
N PHE B 163 -55.64 -14.13 23.37
CA PHE B 163 -54.65 -14.29 24.43
C PHE B 163 -53.56 -13.23 24.36
N THR B 164 -52.66 -13.23 25.35
CA THR B 164 -51.53 -12.31 25.39
C THR B 164 -50.37 -12.90 26.20
N ILE B 165 -49.19 -12.30 26.09
CA ILE B 165 -48.02 -12.79 26.80
C ILE B 165 -47.19 -11.66 27.39
N HIS B 166 -46.70 -11.88 28.62
CA HIS B 166 -45.82 -10.92 29.25
C HIS B 166 -44.45 -11.00 28.57
N LYS B 167 -43.92 -9.85 28.17
CA LYS B 167 -42.72 -9.82 27.33
C LYS B 167 -41.48 -10.39 28.02
N SER B 168 -41.48 -10.44 29.35
CA SER B 168 -40.29 -10.87 30.08
C SER B 168 -40.42 -12.27 30.69
N THR B 169 -41.58 -12.57 31.27
CA THR B 169 -41.77 -13.82 31.98
C THR B 169 -42.30 -14.92 31.07
N GLY B 170 -43.12 -14.52 30.09
CA GLY B 170 -43.62 -15.45 29.10
C GLY B 170 -44.82 -16.25 29.56
N THR B 171 -45.60 -15.69 30.48
CA THR B 171 -46.81 -16.35 30.93
C THR B 171 -48.01 -15.80 30.17
N ILE B 172 -48.78 -16.71 29.58
CA ILE B 172 -49.92 -16.34 28.74
C ILE B 172 -51.15 -15.99 29.58
N SER B 173 -51.82 -14.91 29.20
CA SER B 173 -53.01 -14.44 29.89
C SER B 173 -54.18 -14.27 28.93
N VAL B 174 -55.39 -14.38 29.44
CA VAL B 174 -56.60 -14.12 28.65
C VAL B 174 -56.80 -12.60 28.55
N ILE B 175 -56.85 -12.10 27.32
CA ILE B 175 -56.96 -10.67 27.08
C ILE B 175 -58.39 -10.23 26.74
N SER B 176 -59.16 -11.13 26.15
CA SER B 176 -60.52 -10.82 25.71
C SER B 176 -61.50 -11.89 26.19
N SER B 177 -62.72 -11.47 26.50
CA SER B 177 -63.78 -12.41 26.87
C SER B 177 -64.33 -13.09 25.62
N GLY B 178 -65.24 -14.06 25.82
CA GLY B 178 -65.84 -14.77 24.72
C GLY B 178 -65.35 -16.19 24.55
N LEU B 179 -64.80 -16.77 25.61
CA LEU B 179 -64.36 -18.16 25.57
C LEU B 179 -65.55 -19.10 25.74
N ASP B 180 -65.66 -20.07 24.83
CA ASP B 180 -66.76 -21.02 24.86
C ASP B 180 -66.30 -22.39 24.38
N ARG B 181 -66.52 -23.40 25.21
CA ARG B 181 -66.10 -24.77 24.90
C ARG B 181 -66.96 -25.40 23.81
N GLU B 182 -68.24 -25.09 23.80
CA GLU B 182 -69.16 -25.67 22.81
C GLU B 182 -68.82 -25.22 21.39
N LYS B 183 -68.24 -24.03 21.27
CA LYS B 183 -67.86 -23.49 19.96
C LYS B 183 -66.43 -23.91 19.59
N VAL B 184 -65.46 -23.54 20.42
CA VAL B 184 -64.06 -23.85 20.16
C VAL B 184 -63.42 -24.51 21.38
N PRO B 185 -62.96 -25.76 21.23
CA PRO B 185 -62.38 -26.52 22.34
C PRO B 185 -60.90 -26.22 22.62
N GLU B 186 -60.10 -26.06 21.57
CA GLU B 186 -58.66 -25.87 21.71
C GLU B 186 -58.20 -24.63 20.96
N TYR B 187 -57.14 -24.01 21.46
CA TYR B 187 -56.53 -22.84 20.83
C TYR B 187 -55.05 -23.07 20.58
N ARG B 188 -54.69 -23.16 19.30
CA ARG B 188 -53.29 -23.39 18.92
C ARG B 188 -52.55 -22.07 18.76
N LEU B 189 -51.83 -21.67 19.80
CA LEU B 189 -51.00 -20.47 19.74
C LEU B 189 -49.58 -20.84 19.32
N THR B 190 -49.00 -20.02 18.45
CA THR B 190 -47.59 -20.18 18.11
C THR B 190 -46.82 -19.07 18.78
N VAL B 191 -46.16 -19.40 19.89
CA VAL B 191 -45.44 -18.42 20.69
C VAL B 191 -44.04 -18.23 20.15
N GLN B 192 -43.46 -17.06 20.41
CA GLN B 192 -42.17 -16.71 19.84
C GLN B 192 -41.23 -16.15 20.90
N ALA B 193 -39.98 -16.61 20.87
CA ALA B 193 -38.94 -16.09 21.75
C ALA B 193 -37.79 -15.54 20.91
N THR B 194 -37.49 -14.27 21.10
CA THR B 194 -36.43 -13.61 20.33
C THR B 194 -35.43 -12.95 21.27
N ASP B 195 -34.13 -13.12 21.01
CA ASP B 195 -33.13 -12.50 21.86
C ASP B 195 -32.97 -11.01 21.50
N MET B 196 -32.02 -10.34 22.13
CA MET B 196 -31.85 -8.90 21.98
C MET B 196 -33.10 -8.17 22.47
N ASP B 197 -33.84 -8.83 23.37
CA ASP B 197 -35.06 -8.26 23.95
C ASP B 197 -36.08 -7.89 22.87
N GLY B 198 -36.08 -8.61 21.77
CA GLY B 198 -37.07 -8.40 20.72
C GLY B 198 -36.48 -7.89 19.42
N GLU B 199 -35.18 -7.61 19.40
CA GLU B 199 -34.56 -6.95 18.25
C GLU B 199 -33.66 -7.90 17.47
N GLY B 200 -33.57 -9.16 17.91
CA GLY B 200 -32.61 -10.09 17.33
C GLY B 200 -33.21 -11.31 16.66
N SER B 201 -32.49 -12.42 16.73
CA SER B 201 -32.93 -13.67 16.11
C SER B 201 -34.08 -14.29 16.90
N THR B 202 -34.87 -15.11 16.22
CA THR B 202 -36.11 -15.63 16.79
C THR B 202 -36.24 -17.14 16.67
N THR B 203 -37.02 -17.72 17.56
CA THR B 203 -37.44 -19.12 17.45
C THR B 203 -38.90 -19.22 17.88
N THR B 204 -39.56 -20.32 17.54
CA THR B 204 -40.97 -20.46 17.87
C THR B 204 -41.30 -21.86 18.38
N ALA B 205 -42.33 -21.93 19.22
CA ALA B 205 -42.84 -23.19 19.75
C ALA B 205 -44.36 -23.12 19.83
N GLU B 206 -44.97 -24.25 20.14
CA GLU B 206 -46.43 -24.34 20.19
C GLU B 206 -46.95 -24.32 21.63
N ALA B 207 -48.09 -23.66 21.84
CA ALA B 207 -48.74 -23.62 23.14
C ALA B 207 -50.23 -23.91 23.00
N VAL B 208 -50.66 -25.09 23.47
CA VAL B 208 -52.04 -25.51 23.32
C VAL B 208 -52.87 -25.22 24.58
N VAL B 209 -53.91 -24.40 24.43
CA VAL B 209 -54.79 -24.07 25.55
C VAL B 209 -56.18 -24.65 25.33
N GLN B 210 -56.52 -25.66 26.12
CA GLN B 210 -57.87 -26.24 26.11
C GLN B 210 -58.76 -25.44 27.05
N ILE B 211 -59.98 -25.16 26.61
CA ILE B 211 -60.93 -24.38 27.40
C ILE B 211 -61.85 -25.26 28.23
N LEU B 212 -62.23 -24.78 29.42
CA LEU B 212 -62.94 -25.60 30.40
C LEU B 212 -64.28 -25.02 30.87
N ASP B 213 -65.35 -25.24 30.13
CA ASP B 213 -66.67 -24.79 30.57
C ASP B 213 -67.27 -25.79 31.55
N MET C 4 -6.37 3.81 -37.40
CA MET C 4 -6.04 3.70 -35.99
C MET C 4 -4.70 3.01 -35.73
N PRO C 5 -3.87 3.64 -34.87
CA PRO C 5 -2.57 3.13 -34.39
C PRO C 5 -2.77 2.08 -33.32
N PRO C 6 -1.81 1.16 -33.15
CA PRO C 6 -2.07 0.20 -32.08
C PRO C 6 -2.24 0.92 -30.75
N ILE C 7 -2.86 0.24 -29.78
CA ILE C 7 -3.12 0.83 -28.47
C ILE C 7 -2.24 0.14 -27.45
N PHE C 8 -1.39 0.91 -26.78
CA PHE C 8 -0.50 0.34 -25.77
C PHE C 8 -1.14 0.38 -24.40
N VAL C 9 -1.20 -0.80 -23.78
CA VAL C 9 -1.81 -0.96 -22.48
C VAL C 9 -0.87 -1.74 -21.57
N PRO C 10 -0.32 -1.08 -20.53
CA PRO C 10 0.59 -1.78 -19.61
C PRO C 10 -0.10 -2.88 -18.80
N GLU C 11 0.60 -4.00 -18.64
CA GLU C 11 0.06 -5.15 -17.91
C GLU C 11 -0.11 -4.85 -16.43
N ASN C 12 -0.84 -5.72 -15.75
CA ASN C 12 -1.07 -5.61 -14.32
C ASN C 12 -1.64 -4.26 -13.93
N GLY C 13 -2.68 -3.84 -14.64
CA GLY C 13 -3.36 -2.60 -14.35
C GLY C 13 -4.43 -2.80 -13.30
N LYS C 14 -4.55 -1.84 -12.39
CA LYS C 14 -5.58 -1.92 -11.35
C LYS C 14 -6.87 -1.30 -11.89
N GLY C 15 -7.88 -1.19 -11.04
CA GLY C 15 -9.19 -0.74 -11.48
C GLY C 15 -9.20 0.72 -11.92
N PRO C 16 -10.40 1.25 -12.18
CA PRO C 16 -11.63 0.45 -12.18
C PRO C 16 -11.86 -0.21 -13.53
N PHE C 17 -12.64 -1.28 -13.55
CA PHE C 17 -12.96 -1.95 -14.81
C PHE C 17 -14.47 -1.98 -15.03
N PRO C 18 -14.90 -1.93 -16.30
CA PRO C 18 -14.04 -1.93 -17.48
C PRO C 18 -13.30 -0.60 -17.67
N GLN C 19 -12.21 -0.62 -18.42
CA GLN C 19 -11.47 0.58 -18.70
C GLN C 19 -11.73 1.00 -20.14
N ARG C 20 -11.93 2.29 -20.35
CA ARG C 20 -12.16 2.83 -21.69
C ARG C 20 -10.83 3.19 -22.36
N LEU C 21 -10.55 2.51 -23.48
CA LEU C 21 -9.29 2.74 -24.19
C LEU C 21 -9.40 3.86 -25.23
N ASN C 22 -10.29 3.67 -26.21
CA ASN C 22 -10.53 4.66 -27.25
C ASN C 22 -11.97 4.61 -27.71
N GLN C 23 -12.29 5.43 -28.71
CA GLN C 23 -13.63 5.49 -29.25
C GLN C 23 -13.57 5.44 -30.77
N LEU C 24 -14.39 4.58 -31.35
CA LEU C 24 -14.45 4.46 -32.80
C LEU C 24 -15.58 5.35 -33.30
N LYS C 25 -15.42 5.90 -34.50
CA LYS C 25 -16.45 6.76 -35.08
C LYS C 25 -16.32 6.88 -36.59
N SER C 26 -17.45 6.72 -37.28
CA SER C 26 -17.54 6.94 -38.71
C SER C 26 -18.27 8.24 -39.03
N ASN C 27 -17.67 9.10 -39.84
CA ASN C 27 -18.30 10.37 -40.22
C ASN C 27 -19.64 10.15 -40.91
N LYS C 28 -19.97 8.88 -41.13
CA LYS C 28 -21.28 8.51 -41.68
C LYS C 28 -22.37 8.53 -40.60
N ASP C 29 -22.05 9.06 -39.42
CA ASP C 29 -23.05 9.29 -38.39
C ASP C 29 -24.06 10.35 -38.81
N ARG C 30 -23.63 11.28 -39.66
CA ARG C 30 -24.47 12.38 -40.10
C ARG C 30 -25.70 11.90 -40.87
N GLY C 31 -25.56 10.82 -41.64
CA GLY C 31 -26.63 10.35 -42.48
C GLY C 31 -27.56 9.32 -41.85
N THR C 32 -26.98 8.35 -41.16
CA THR C 32 -27.77 7.27 -40.57
C THR C 32 -27.22 6.83 -39.22
N LYS C 33 -28.08 6.19 -38.41
CA LYS C 33 -27.66 5.63 -37.15
C LYS C 33 -26.73 4.46 -37.40
N ILE C 34 -25.53 4.53 -36.83
CA ILE C 34 -24.52 3.50 -37.04
C ILE C 34 -24.27 2.71 -35.76
N PHE C 35 -23.98 1.42 -35.93
CA PHE C 35 -23.73 0.53 -34.80
C PHE C 35 -22.34 -0.05 -34.93
N TYR C 36 -21.58 -0.03 -33.83
CA TYR C 36 -20.20 -0.48 -33.85
C TYR C 36 -20.08 -1.82 -33.13
N SER C 37 -19.11 -2.61 -33.56
CA SER C 37 -18.88 -3.93 -32.98
C SER C 37 -17.42 -4.31 -33.24
N ILE C 38 -16.93 -5.31 -32.50
CA ILE C 38 -15.58 -5.80 -32.71
C ILE C 38 -15.53 -7.32 -32.67
N THR C 39 -14.63 -7.88 -33.46
CA THR C 39 -14.45 -9.33 -33.53
C THR C 39 -12.96 -9.67 -33.61
N GLY C 40 -12.64 -10.91 -33.29
CA GLY C 40 -11.26 -11.36 -33.29
C GLY C 40 -10.87 -11.97 -31.96
N PRO C 41 -9.70 -12.62 -31.90
CA PRO C 41 -9.21 -13.23 -30.67
C PRO C 41 -9.07 -12.21 -29.54
N GLY C 42 -9.96 -12.31 -28.55
CA GLY C 42 -9.98 -11.37 -27.44
C GLY C 42 -11.38 -10.80 -27.23
N ALA C 43 -12.19 -10.83 -28.28
CA ALA C 43 -13.54 -10.29 -28.21
C ALA C 43 -14.58 -11.41 -28.22
N ASP C 44 -14.80 -11.99 -29.39
CA ASP C 44 -15.78 -13.07 -29.54
C ASP C 44 -15.12 -14.43 -29.55
N SER C 45 -13.83 -14.47 -29.87
CA SER C 45 -13.05 -15.71 -29.86
C SER C 45 -12.19 -15.79 -28.61
N PRO C 46 -11.75 -17.02 -28.26
CA PRO C 46 -10.85 -17.18 -27.10
C PRO C 46 -9.55 -16.40 -27.33
N PRO C 47 -9.12 -15.61 -26.32
CA PRO C 47 -9.77 -15.44 -25.02
C PRO C 47 -11.02 -14.58 -25.09
N GLU C 48 -12.16 -15.20 -24.82
CA GLU C 48 -13.46 -14.56 -24.95
C GLU C 48 -13.72 -13.53 -23.86
N GLY C 49 -14.29 -12.39 -24.23
CA GLY C 49 -14.78 -11.43 -23.26
C GLY C 49 -13.80 -10.36 -22.83
N VAL C 50 -12.54 -10.51 -23.23
CA VAL C 50 -11.49 -9.58 -22.79
C VAL C 50 -11.79 -8.16 -23.27
N PHE C 51 -12.08 -8.03 -24.55
CA PHE C 51 -12.42 -6.73 -25.13
C PHE C 51 -13.86 -6.71 -25.62
N THR C 52 -14.61 -5.70 -25.20
CA THR C 52 -15.97 -5.49 -25.66
C THR C 52 -16.10 -4.07 -26.17
N ILE C 53 -17.28 -3.75 -26.72
CA ILE C 53 -17.49 -2.42 -27.28
C ILE C 53 -18.94 -1.97 -27.14
N GLU C 54 -19.13 -0.77 -26.61
CA GLU C 54 -20.46 -0.20 -26.51
C GLU C 54 -20.98 0.00 -27.93
N LYS C 55 -22.06 -0.68 -28.26
CA LYS C 55 -22.50 -0.79 -29.64
C LYS C 55 -22.86 0.54 -30.30
N GLU C 56 -23.39 1.49 -29.52
CA GLU C 56 -23.92 2.73 -30.10
C GLU C 56 -22.95 3.91 -30.04
N SER C 57 -22.06 3.92 -29.04
CA SER C 57 -21.10 5.01 -28.89
C SER C 57 -19.77 4.65 -29.55
N GLY C 58 -19.46 3.36 -29.57
CA GLY C 58 -18.24 2.87 -30.19
C GLY C 58 -17.03 2.89 -29.27
N TRP C 59 -17.30 2.88 -27.97
CA TRP C 59 -16.24 2.86 -26.96
C TRP C 59 -15.68 1.47 -26.69
N LEU C 60 -14.36 1.34 -26.83
CA LEU C 60 -13.66 0.10 -26.52
C LEU C 60 -13.51 -0.10 -25.02
N LEU C 61 -13.87 -1.29 -24.53
CA LEU C 61 -13.84 -1.59 -23.10
C LEU C 61 -12.98 -2.80 -22.77
N LEU C 62 -12.20 -2.69 -21.70
CA LEU C 62 -11.36 -3.78 -21.20
C LEU C 62 -11.85 -4.22 -19.83
N HIS C 63 -12.16 -5.49 -19.64
CA HIS C 63 -12.77 -5.96 -18.40
C HIS C 63 -11.79 -6.59 -17.42
N MET C 64 -10.58 -6.86 -17.86
CA MET C 64 -9.63 -7.58 -17.03
C MET C 64 -8.22 -7.03 -17.14
N PRO C 65 -7.48 -7.02 -16.01
CA PRO C 65 -6.06 -6.68 -16.01
C PRO C 65 -5.30 -7.61 -16.96
N LEU C 66 -4.44 -7.06 -17.80
CA LEU C 66 -3.74 -7.85 -18.80
C LEU C 66 -2.43 -8.40 -18.26
N ASP C 67 -1.99 -9.51 -18.86
CA ASP C 67 -0.70 -10.10 -18.50
C ASP C 67 0.10 -10.27 -19.79
N ARG C 68 1.21 -9.54 -19.90
CA ARG C 68 2.01 -9.56 -21.12
C ARG C 68 2.66 -10.92 -21.30
N GLU C 69 3.00 -11.56 -20.18
CA GLU C 69 3.61 -12.88 -20.22
C GLU C 69 2.63 -13.90 -20.80
N LYS C 70 1.33 -13.61 -20.72
CA LYS C 70 0.31 -14.50 -21.27
C LYS C 70 0.08 -14.25 -22.77
N ILE C 71 -0.46 -13.08 -23.09
CA ILE C 71 -0.62 -12.66 -24.49
C ILE C 71 -0.02 -11.28 -24.72
N VAL C 72 0.98 -11.20 -25.60
CA VAL C 72 1.65 -9.93 -25.89
C VAL C 72 0.82 -8.97 -26.74
N LYS C 73 0.12 -9.49 -27.74
CA LYS C 73 -0.58 -8.64 -28.70
C LYS C 73 -1.89 -9.22 -29.18
N TYR C 74 -2.92 -8.37 -29.23
CA TYR C 74 -4.22 -8.75 -29.75
C TYR C 74 -4.47 -8.08 -31.12
N GLU C 75 -5.05 -8.83 -32.04
CA GLU C 75 -5.41 -8.30 -33.36
C GLU C 75 -6.91 -8.39 -33.60
N LEU C 76 -7.61 -7.28 -33.35
CA LEU C 76 -9.06 -7.24 -33.50
C LEU C 76 -9.45 -6.45 -34.75
N TYR C 77 -10.75 -6.43 -35.04
CA TYR C 77 -11.30 -5.68 -36.17
C TYR C 77 -12.59 -4.98 -35.77
N GLY C 78 -12.67 -3.69 -36.09
CA GLY C 78 -13.86 -2.89 -35.80
C GLY C 78 -14.80 -2.78 -36.99
N HIS C 79 -16.10 -2.85 -36.71
CA HIS C 79 -17.10 -2.81 -37.76
C HIS C 79 -18.09 -1.66 -37.56
N ALA C 80 -18.61 -1.14 -38.67
CA ALA C 80 -19.67 -0.13 -38.60
C ALA C 80 -20.84 -0.59 -39.47
N VAL C 81 -22.02 -0.70 -38.86
CA VAL C 81 -23.19 -1.20 -39.54
C VAL C 81 -24.41 -0.35 -39.21
N SER C 82 -25.10 0.11 -40.25
CA SER C 82 -26.30 0.91 -40.10
C SER C 82 -27.47 0.07 -39.60
N GLU C 83 -28.58 0.72 -39.26
CA GLU C 83 -29.76 0.02 -38.75
C GLU C 83 -30.25 -1.06 -39.72
N ASN C 84 -30.01 -0.86 -41.02
CA ASN C 84 -30.48 -1.80 -42.04
C ASN C 84 -29.73 -3.12 -42.00
N GLY C 85 -28.60 -3.14 -41.31
CA GLY C 85 -27.80 -4.34 -41.20
C GLY C 85 -26.78 -4.45 -42.31
N ALA C 86 -26.48 -3.32 -42.95
CA ALA C 86 -25.54 -3.31 -44.04
C ALA C 86 -24.32 -2.56 -43.59
N SER C 87 -23.15 -3.10 -43.93
CA SER C 87 -21.90 -2.49 -43.52
C SER C 87 -21.70 -1.16 -44.23
N VAL C 88 -21.34 -0.14 -43.45
CA VAL C 88 -21.16 1.20 -44.01
C VAL C 88 -19.67 1.55 -44.05
N GLU C 89 -18.84 0.68 -43.48
CA GLU C 89 -17.38 0.86 -43.55
C GLU C 89 -16.69 -0.48 -43.64
N GLU C 90 -15.53 -0.52 -44.30
CA GLU C 90 -14.71 -1.71 -44.32
C GLU C 90 -14.05 -1.90 -42.96
N PRO C 91 -14.00 -3.14 -42.46
CA PRO C 91 -13.43 -3.42 -41.14
C PRO C 91 -12.07 -2.77 -40.94
N MET C 92 -11.82 -2.27 -39.74
CA MET C 92 -10.55 -1.60 -39.41
C MET C 92 -9.70 -2.45 -38.47
N ASN C 93 -8.39 -2.45 -38.69
CA ASN C 93 -7.48 -3.20 -37.83
C ASN C 93 -7.22 -2.47 -36.52
N ILE C 94 -7.62 -3.08 -35.42
CA ILE C 94 -7.37 -2.57 -34.08
C ILE C 94 -6.26 -3.35 -33.40
N SER C 95 -5.05 -2.80 -33.42
CA SER C 95 -3.90 -3.44 -32.80
C SER C 95 -3.74 -3.03 -31.33
N ILE C 96 -3.78 -3.99 -30.42
CA ILE C 96 -3.61 -3.69 -29.00
C ILE C 96 -2.39 -4.40 -28.41
N ILE C 97 -1.33 -3.64 -28.17
CA ILE C 97 -0.08 -4.17 -27.63
C ILE C 97 0.01 -3.99 -26.12
N VAL C 98 0.49 -5.01 -25.43
CA VAL C 98 0.65 -4.95 -23.98
C VAL C 98 2.07 -4.56 -23.58
N THR C 99 2.19 -3.45 -22.85
CA THR C 99 3.48 -2.98 -22.36
C THR C 99 3.92 -3.81 -21.15
N ASP C 100 5.24 -4.00 -21.01
CA ASP C 100 5.75 -4.91 -20.00
C ASP C 100 5.99 -4.23 -18.66
N GLN C 101 5.71 -4.99 -17.60
CA GLN C 101 6.10 -4.61 -16.25
C GLN C 101 7.07 -5.67 -15.74
N ASN C 102 7.95 -5.26 -14.83
CA ASN C 102 8.93 -6.18 -14.28
C ASN C 102 8.33 -6.98 -13.12
N ASP C 103 7.44 -7.92 -13.47
CA ASP C 103 6.74 -8.71 -12.47
C ASP C 103 7.26 -10.15 -12.40
N ASN C 104 8.40 -10.39 -13.01
CA ASN C 104 9.04 -11.70 -12.95
C ASN C 104 10.50 -11.58 -12.52
N LYS C 105 10.88 -12.31 -11.48
CA LYS C 105 12.26 -12.36 -11.04
C LYS C 105 13.06 -13.34 -11.91
N PRO C 106 14.39 -13.14 -11.98
CA PRO C 106 15.26 -14.10 -12.69
C PRO C 106 15.25 -15.46 -12.01
N LYS C 107 15.49 -16.51 -12.78
CA LYS C 107 15.52 -17.87 -12.24
C LYS C 107 16.72 -18.62 -12.80
N PHE C 108 17.55 -19.17 -11.91
CA PHE C 108 18.67 -19.99 -12.38
C PHE C 108 18.15 -21.33 -12.89
N THR C 109 18.76 -21.82 -13.96
CA THR C 109 18.34 -23.08 -14.56
C THR C 109 18.42 -24.24 -13.57
N GLN C 110 19.40 -24.20 -12.67
CA GLN C 110 19.56 -25.22 -11.63
C GLN C 110 20.09 -24.61 -10.34
N ASP C 111 19.74 -25.22 -9.20
CA ASP C 111 20.14 -24.71 -7.89
C ASP C 111 21.65 -24.81 -7.65
N THR C 112 22.33 -25.70 -8.35
CA THR C 112 23.76 -25.87 -8.17
C THR C 112 24.46 -26.25 -9.47
N PHE C 113 25.53 -25.52 -9.79
CA PHE C 113 26.32 -25.78 -10.98
C PHE C 113 27.67 -26.36 -10.60
N ARG C 114 28.11 -27.37 -11.33
CA ARG C 114 29.39 -28.01 -11.05
C ARG C 114 30.37 -27.69 -12.16
N GLY C 115 31.57 -27.29 -11.76
CA GLY C 115 32.61 -26.96 -12.71
C GLY C 115 33.97 -27.39 -12.19
N SER C 116 34.98 -27.24 -13.02
CA SER C 116 36.32 -27.66 -12.66
C SER C 116 37.38 -26.83 -13.38
N VAL C 117 38.50 -26.63 -12.71
CA VAL C 117 39.63 -25.89 -13.28
C VAL C 117 40.92 -26.49 -12.75
N LEU C 118 42.02 -26.35 -13.49
CA LEU C 118 43.28 -26.92 -13.04
C LEU C 118 44.01 -25.95 -12.12
N GLU C 119 44.92 -26.46 -11.31
CA GLU C 119 45.70 -25.63 -10.42
C GLU C 119 46.72 -24.84 -11.24
N GLY C 120 47.19 -23.73 -10.69
CA GLY C 120 48.20 -22.90 -11.35
C GLY C 120 47.97 -22.48 -12.79
N VAL C 121 46.73 -22.13 -13.14
CA VAL C 121 46.02 -21.65 -14.30
C VAL C 121 46.31 -20.16 -14.49
N MET C 122 46.44 -19.76 -15.75
CA MET C 122 46.73 -18.37 -16.05
C MET C 122 45.47 -17.55 -15.80
N PRO C 123 45.63 -16.42 -15.10
CA PRO C 123 44.49 -15.52 -14.85
C PRO C 123 43.79 -15.16 -16.16
N GLY C 124 42.46 -15.24 -16.18
CA GLY C 124 41.70 -14.91 -17.36
C GLY C 124 41.11 -16.16 -17.97
N THR C 125 41.41 -17.31 -17.34
CA THR C 125 40.95 -18.59 -17.86
C THR C 125 39.50 -18.81 -17.49
N SER C 126 38.78 -19.53 -18.34
CA SER C 126 37.38 -19.80 -18.11
C SER C 126 37.25 -21.10 -17.34
N VAL C 127 36.23 -21.19 -16.49
CA VAL C 127 36.02 -22.37 -15.67
C VAL C 127 34.69 -23.03 -16.00
N MET C 128 33.60 -22.31 -15.77
CA MET C 128 32.27 -22.84 -15.97
C MET C 128 31.30 -21.71 -16.29
N GLN C 129 30.04 -22.06 -16.50
CA GLN C 129 29.02 -21.07 -16.83
C GLN C 129 27.71 -21.37 -16.14
N VAL C 130 27.17 -20.33 -15.49
CA VAL C 130 25.85 -20.40 -14.91
C VAL C 130 24.86 -19.61 -15.78
N THR C 131 23.58 -19.94 -15.70
CA THR C 131 22.58 -19.27 -16.50
C THR C 131 21.25 -19.12 -15.77
N ALA C 132 20.64 -17.95 -15.91
CA ALA C 132 19.33 -17.70 -15.33
C ALA C 132 18.43 -17.06 -16.39
N THR C 133 17.12 -17.24 -16.27
CA THR C 133 16.20 -16.79 -17.30
C THR C 133 15.16 -15.84 -16.70
N ASP C 134 14.85 -14.78 -17.44
CA ASP C 134 13.82 -13.82 -17.03
C ASP C 134 12.71 -13.77 -18.07
N GLU C 135 11.47 -13.97 -17.63
CA GLU C 135 10.33 -14.06 -18.54
C GLU C 135 9.79 -12.69 -18.96
N ASP C 136 10.44 -11.62 -18.50
CA ASP C 136 10.04 -10.27 -18.88
C ASP C 136 10.61 -9.84 -20.22
N ASP C 137 10.18 -8.67 -20.67
CA ASP C 137 10.62 -8.11 -21.95
C ASP C 137 12.10 -7.73 -21.88
N ALA C 138 12.91 -8.29 -22.79
CA ALA C 138 14.35 -8.00 -22.80
C ALA C 138 14.78 -7.29 -24.09
N VAL C 139 13.82 -6.92 -24.92
CA VAL C 139 14.10 -6.24 -26.17
C VAL C 139 13.79 -4.76 -26.02
N ASN C 140 12.56 -4.47 -25.62
CA ASN C 140 12.09 -3.10 -25.47
C ASN C 140 12.43 -2.51 -24.10
N THR C 141 12.56 -3.38 -23.09
CA THR C 141 12.95 -2.93 -21.75
C THR C 141 14.13 -3.73 -21.24
N TYR C 142 14.55 -3.46 -20.01
CA TYR C 142 15.59 -4.23 -19.35
C TYR C 142 15.00 -5.13 -18.28
N ASN C 143 13.68 -5.22 -18.24
CA ASN C 143 13.00 -6.05 -17.26
C ASN C 143 13.43 -7.51 -17.36
N GLY C 144 13.87 -7.91 -18.55
CA GLY C 144 14.26 -9.28 -18.79
C GLY C 144 15.74 -9.46 -18.98
N VAL C 145 16.48 -8.36 -19.02
CA VAL C 145 17.91 -8.44 -19.19
C VAL C 145 18.59 -8.79 -17.87
N VAL C 146 19.24 -9.95 -17.84
CA VAL C 146 19.85 -10.48 -16.62
C VAL C 146 21.34 -10.17 -16.55
N ALA C 147 21.81 -9.82 -15.35
CA ALA C 147 23.23 -9.56 -15.13
C ALA C 147 23.76 -10.52 -14.07
N TYR C 148 24.94 -11.08 -14.31
CA TYR C 148 25.49 -12.08 -13.39
C TYR C 148 26.58 -11.49 -12.51
N SER C 149 26.71 -12.03 -11.30
CA SER C 149 27.72 -11.56 -10.35
C SER C 149 28.00 -12.65 -9.32
N ILE C 150 28.99 -12.41 -8.46
CA ILE C 150 29.33 -13.34 -7.40
C ILE C 150 29.09 -12.69 -6.04
N HIS C 151 28.23 -13.30 -5.24
CA HIS C 151 27.83 -12.74 -3.95
C HIS C 151 28.92 -12.96 -2.90
N SER C 152 29.43 -14.18 -2.83
CA SER C 152 30.47 -14.53 -1.86
C SER C 152 31.28 -15.75 -2.31
N GLN C 153 32.42 -15.97 -1.66
CA GLN C 153 33.27 -17.12 -1.98
C GLN C 153 33.82 -17.80 -0.73
N GLU C 154 33.64 -19.11 -0.65
CA GLU C 154 34.15 -19.91 0.46
C GLU C 154 34.96 -21.09 -0.06
N PRO C 155 36.18 -21.28 0.45
CA PRO C 155 36.85 -20.43 1.45
C PRO C 155 37.43 -19.17 0.82
N LYS C 156 37.94 -18.27 1.65
CA LYS C 156 38.50 -17.02 1.16
C LYS C 156 40.03 -17.07 1.13
N GLU C 157 40.59 -18.26 0.97
CA GLU C 157 42.03 -18.42 0.88
C GLU C 157 42.40 -19.00 -0.49
N PRO C 158 43.52 -18.55 -1.07
CA PRO C 158 44.44 -17.56 -0.48
C PRO C 158 43.89 -16.13 -0.52
N HIS C 159 42.99 -15.84 -1.46
CA HIS C 159 42.38 -14.53 -1.55
C HIS C 159 40.87 -14.68 -1.60
N ASP C 160 40.16 -13.58 -1.38
CA ASP C 160 38.70 -13.58 -1.39
C ASP C 160 38.18 -13.37 -2.81
N LEU C 161 39.04 -12.86 -3.68
CA LEU C 161 38.66 -12.59 -5.05
C LEU C 161 39.49 -13.47 -5.99
N MET C 162 39.22 -14.77 -5.96
CA MET C 162 39.94 -15.74 -6.78
C MET C 162 39.28 -15.90 -8.14
N PHE C 163 37.98 -15.62 -8.19
CA PHE C 163 37.23 -15.77 -9.43
C PHE C 163 36.49 -14.49 -9.79
N THR C 164 35.86 -14.54 -10.95
CA THR C 164 35.04 -13.44 -11.43
C THR C 164 34.02 -14.03 -12.38
N ILE C 165 33.01 -13.25 -12.72
CA ILE C 165 31.98 -13.72 -13.63
C ILE C 165 31.65 -12.60 -14.59
N HIS C 166 31.48 -12.98 -15.86
CA HIS C 166 31.11 -12.02 -16.89
C HIS C 166 29.66 -11.61 -16.73
N LYS C 167 29.42 -10.31 -16.76
CA LYS C 167 28.12 -9.76 -16.42
C LYS C 167 26.98 -10.21 -17.33
N SER C 168 27.29 -10.59 -18.56
CA SER C 168 26.24 -10.87 -19.56
C SER C 168 26.08 -12.35 -19.86
N THR C 169 27.19 -13.06 -19.98
CA THR C 169 27.17 -14.46 -20.39
C THR C 169 27.05 -15.38 -19.19
N GLY C 170 27.62 -14.96 -18.06
CA GLY C 170 27.54 -15.73 -16.84
C GLY C 170 28.61 -16.81 -16.76
N THR C 171 29.74 -16.57 -17.41
CA THR C 171 30.85 -17.52 -17.34
C THR C 171 31.84 -17.11 -16.27
N ILE C 172 32.13 -18.03 -15.35
CA ILE C 172 33.05 -17.75 -14.25
C ILE C 172 34.49 -17.92 -14.73
N SER C 173 35.34 -16.95 -14.39
CA SER C 173 36.73 -16.98 -14.82
C SER C 173 37.67 -16.84 -13.63
N VAL C 174 38.88 -17.37 -13.78
CA VAL C 174 39.92 -17.20 -12.77
C VAL C 174 40.52 -15.81 -12.94
N ILE C 175 40.48 -15.00 -11.89
CA ILE C 175 41.00 -13.64 -11.96
C ILE C 175 42.40 -13.54 -11.37
N SER C 176 42.71 -14.41 -10.42
CA SER C 176 44.01 -14.36 -9.72
C SER C 176 44.67 -15.74 -9.69
N SER C 177 45.99 -15.77 -9.78
CA SER C 177 46.74 -17.02 -9.66
C SER C 177 46.85 -17.45 -8.21
N GLY C 178 47.43 -18.62 -7.98
CA GLY C 178 47.63 -19.15 -6.64
C GLY C 178 46.68 -20.28 -6.25
N LEU C 179 46.12 -20.96 -7.25
CA LEU C 179 45.25 -22.10 -6.99
C LEU C 179 46.07 -23.36 -6.70
N ASP C 180 45.71 -24.05 -5.62
CA ASP C 180 46.39 -25.28 -5.22
C ASP C 180 45.38 -26.27 -4.66
N ARG C 181 45.34 -27.47 -5.24
CA ARG C 181 44.43 -28.50 -4.78
C ARG C 181 44.86 -28.97 -3.40
N GLU C 182 46.17 -29.00 -3.17
CA GLU C 182 46.71 -29.46 -1.89
C GLU C 182 46.26 -28.53 -0.77
N LYS C 183 46.02 -27.26 -1.10
CA LYS C 183 45.56 -26.30 -0.11
C LYS C 183 44.03 -26.33 -0.03
N VAL C 184 43.39 -25.99 -1.14
CA VAL C 184 41.94 -25.98 -1.21
C VAL C 184 41.47 -26.73 -2.46
N PRO C 185 40.71 -27.81 -2.25
CA PRO C 185 40.20 -28.61 -3.37
C PRO C 185 38.94 -28.02 -4.00
N GLU C 186 38.07 -27.44 -3.18
CA GLU C 186 36.81 -26.90 -3.66
C GLU C 186 36.61 -25.45 -3.28
N TYR C 187 35.89 -24.74 -4.14
CA TYR C 187 35.50 -23.36 -3.91
C TYR C 187 33.99 -23.25 -4.10
N ARG C 188 33.27 -22.99 -3.02
CA ARG C 188 31.83 -22.83 -3.12
C ARG C 188 31.45 -21.36 -3.36
N LEU C 189 31.19 -21.03 -4.62
CA LEU C 189 30.75 -19.69 -5.00
C LEU C 189 29.24 -19.63 -4.99
N THR C 190 28.68 -18.54 -4.46
CA THR C 190 27.24 -18.29 -4.58
C THR C 190 27.02 -17.16 -5.57
N VAL C 191 26.57 -17.54 -6.76
CA VAL C 191 26.37 -16.60 -7.87
C VAL C 191 25.00 -15.92 -7.83
N GLN C 192 24.91 -14.79 -8.51
CA GLN C 192 23.72 -13.95 -8.50
C GLN C 192 23.25 -13.58 -9.90
N ALA C 193 21.94 -13.60 -10.10
CA ALA C 193 21.34 -13.12 -11.33
C ALA C 193 20.36 -12.00 -10.98
N THR C 194 20.58 -10.81 -11.52
CA THR C 194 19.72 -9.67 -11.23
C THR C 194 19.21 -9.05 -12.53
N ASP C 195 17.90 -8.80 -12.61
CA ASP C 195 17.34 -8.18 -13.81
C ASP C 195 17.57 -6.68 -13.76
N MET C 196 16.99 -5.94 -14.71
CA MET C 196 17.26 -4.52 -14.82
C MET C 196 18.74 -4.31 -15.11
N ASP C 197 19.37 -5.32 -15.70
CA ASP C 197 20.78 -5.29 -16.01
C ASP C 197 21.63 -5.06 -14.76
N GLY C 198 21.18 -5.55 -13.62
CA GLY C 198 21.94 -5.50 -12.39
C GLY C 198 21.35 -4.59 -11.33
N GLU C 199 20.25 -3.93 -11.67
CA GLU C 199 19.67 -2.89 -10.84
C GLU C 199 18.36 -3.29 -10.16
N GLY C 200 17.91 -4.51 -10.39
CA GLY C 200 16.57 -4.92 -9.97
C GLY C 200 16.57 -6.05 -8.95
N SER C 201 15.54 -6.88 -9.03
CA SER C 201 15.37 -7.99 -8.10
C SER C 201 16.42 -9.09 -8.35
N THR C 202 16.74 -9.87 -7.32
CA THR C 202 17.86 -10.79 -7.38
C THR C 202 17.49 -12.22 -7.01
N THR C 203 18.28 -13.16 -7.53
CA THR C 203 18.18 -14.56 -7.17
C THR C 203 19.60 -15.13 -7.04
N THR C 204 19.71 -16.29 -6.42
CA THR C 204 21.02 -16.89 -6.19
C THR C 204 21.05 -18.41 -6.39
N ALA C 205 22.22 -18.91 -6.78
CA ALA C 205 22.44 -20.34 -6.91
C ALA C 205 23.89 -20.66 -6.50
N GLU C 206 24.20 -21.94 -6.41
CA GLU C 206 25.52 -22.37 -5.98
C GLU C 206 26.37 -22.79 -7.17
N ALA C 207 27.66 -22.50 -7.10
CA ALA C 207 28.60 -22.93 -8.13
C ALA C 207 29.82 -23.53 -7.46
N VAL C 208 29.93 -24.85 -7.53
CA VAL C 208 31.02 -25.55 -6.87
C VAL C 208 32.13 -25.79 -7.88
N VAL C 209 33.30 -25.24 -7.61
CA VAL C 209 34.43 -25.38 -8.51
C VAL C 209 35.48 -26.29 -7.90
N GLN C 210 35.64 -27.48 -8.44
CA GLN C 210 36.67 -28.38 -7.97
C GLN C 210 37.97 -28.07 -8.68
N ILE C 211 39.06 -28.02 -7.92
CA ILE C 211 40.38 -27.76 -8.49
C ILE C 211 41.11 -29.08 -8.69
N LEU C 212 41.86 -29.18 -9.79
CA LEU C 212 42.42 -30.45 -10.20
C LEU C 212 43.94 -30.37 -10.39
N ASP C 213 44.59 -31.53 -10.37
CA ASP C 213 46.03 -31.63 -10.56
C ASP C 213 46.41 -31.58 -12.05
N GLU D 1 -15.91 6.50 -43.74
CA GLU D 1 -14.58 6.95 -43.25
C GLU D 1 -14.63 6.96 -41.73
N TRP D 2 -13.64 6.32 -41.09
CA TRP D 2 -13.50 6.36 -39.63
C TRP D 2 -12.91 7.70 -39.23
N VAL D 3 -12.92 8.02 -37.95
CA VAL D 3 -12.24 9.22 -37.48
C VAL D 3 -11.21 8.75 -36.46
N MET D 4 -10.03 9.37 -36.53
CA MET D 4 -8.87 8.96 -35.73
C MET D 4 -8.86 9.39 -34.28
N PRO D 5 -8.49 8.48 -33.37
CA PRO D 5 -8.33 9.00 -32.03
C PRO D 5 -7.07 9.86 -32.04
N PRO D 6 -7.12 11.01 -31.34
CA PRO D 6 -6.02 11.97 -31.26
C PRO D 6 -4.81 11.42 -30.52
N ILE D 7 -3.69 12.12 -30.61
CA ILE D 7 -2.46 11.70 -29.93
C ILE D 7 -2.15 12.68 -28.79
N PHE D 8 -2.16 12.15 -27.58
CA PHE D 8 -1.92 12.93 -26.36
C PHE D 8 -0.44 12.85 -26.01
N VAL D 9 0.23 13.99 -25.84
CA VAL D 9 1.66 13.98 -25.54
C VAL D 9 1.99 14.92 -24.37
N PRO D 10 2.44 14.36 -23.23
CA PRO D 10 2.80 15.18 -22.07
C PRO D 10 4.00 16.10 -22.28
N GLU D 11 3.90 17.33 -21.80
CA GLU D 11 4.96 18.32 -21.95
C GLU D 11 6.20 17.99 -21.12
N ASN D 12 7.31 18.62 -21.48
CA ASN D 12 8.57 18.40 -20.77
C ASN D 12 8.93 16.93 -20.71
N GLY D 13 8.87 16.27 -21.87
CA GLY D 13 9.20 14.87 -22.00
C GLY D 13 10.69 14.63 -22.23
N LYS D 14 11.21 13.56 -21.64
CA LYS D 14 12.59 13.19 -21.83
C LYS D 14 12.71 12.32 -23.07
N GLY D 15 13.94 11.99 -23.47
CA GLY D 15 14.18 11.28 -24.70
C GLY D 15 13.61 9.88 -24.69
N PRO D 16 13.92 9.09 -25.73
CA PRO D 16 14.77 9.50 -26.86
C PRO D 16 14.01 10.25 -27.95
N PHE D 17 14.74 11.02 -28.75
CA PHE D 17 14.17 11.74 -29.88
C PHE D 17 14.88 11.33 -31.16
N PRO D 18 14.16 11.32 -32.29
CA PRO D 18 12.75 11.73 -32.36
C PRO D 18 11.82 10.69 -31.75
N GLN D 19 10.63 11.12 -31.36
CA GLN D 19 9.63 10.22 -30.78
C GLN D 19 8.52 9.94 -31.78
N ARG D 20 8.13 8.67 -31.88
CA ARG D 20 7.06 8.28 -32.79
C ARG D 20 5.70 8.42 -32.13
N LEU D 21 4.86 9.28 -32.71
CA LEU D 21 3.53 9.52 -32.18
C LEU D 21 2.51 8.57 -32.81
N ASN D 22 2.37 8.66 -34.13
CA ASN D 22 1.45 7.80 -34.86
C ASN D 22 1.98 7.51 -36.26
N GLN D 23 1.20 6.77 -37.05
CA GLN D 23 1.60 6.43 -38.42
C GLN D 23 0.42 6.55 -39.40
N LEU D 24 0.67 7.22 -40.54
CA LEU D 24 -0.35 7.35 -41.58
C LEU D 24 -0.20 6.24 -42.61
N LYS D 25 -1.31 5.89 -43.25
CA LYS D 25 -1.29 4.90 -44.31
C LYS D 25 -2.51 5.07 -45.19
N SER D 26 -2.28 5.13 -46.50
CA SER D 26 -3.37 5.14 -47.45
C SER D 26 -3.42 3.75 -48.06
N ASN D 27 -4.58 3.12 -47.98
CA ASN D 27 -4.72 1.76 -48.48
C ASN D 27 -4.43 1.65 -49.97
N LYS D 28 -4.14 2.78 -50.60
CA LYS D 28 -3.73 2.80 -51.99
C LYS D 28 -2.23 2.50 -52.14
N ASP D 29 -1.60 2.05 -51.06
CA ASP D 29 -0.24 1.53 -51.13
C ASP D 29 -0.23 0.26 -51.97
N ARG D 30 -1.38 -0.41 -52.01
CA ARG D 30 -1.54 -1.67 -52.74
C ARG D 30 -1.24 -1.48 -54.23
N GLY D 31 -1.65 -0.33 -54.77
CA GLY D 31 -1.53 -0.07 -56.19
C GLY D 31 -0.26 0.67 -56.59
N THR D 32 0.12 1.68 -55.82
CA THR D 32 1.28 2.50 -56.13
C THR D 32 2.05 2.90 -54.88
N LYS D 33 3.32 3.23 -55.04
CA LYS D 33 4.11 3.73 -53.93
C LYS D 33 3.66 5.15 -53.60
N ILE D 34 3.25 5.36 -52.35
CA ILE D 34 2.74 6.66 -51.92
C ILE D 34 3.71 7.38 -50.99
N PHE D 35 3.71 8.70 -51.06
CA PHE D 35 4.62 9.53 -50.27
C PHE D 35 3.84 10.49 -49.36
N TYR D 36 4.25 10.58 -48.10
CA TYR D 36 3.50 11.34 -47.10
C TYR D 36 4.22 12.64 -46.70
N SER D 37 3.44 13.61 -46.25
CA SER D 37 3.98 14.90 -45.83
C SER D 37 3.02 15.60 -44.88
N ILE D 38 3.52 16.61 -44.17
CA ILE D 38 2.67 17.41 -43.29
C ILE D 38 2.99 18.90 -43.40
N THR D 39 1.96 19.71 -43.22
CA THR D 39 2.11 21.16 -43.28
C THR D 39 1.30 21.80 -42.16
N GLY D 40 1.62 23.04 -41.83
CA GLY D 40 0.93 23.77 -40.77
C GLY D 40 1.91 24.28 -39.73
N PRO D 41 1.43 25.14 -38.83
CA PRO D 41 2.27 25.67 -37.76
C PRO D 41 2.84 24.54 -36.90
N GLY D 42 4.14 24.28 -37.03
CA GLY D 42 4.77 23.19 -36.32
C GLY D 42 5.55 22.27 -37.24
N ALA D 43 5.19 22.26 -38.51
CA ALA D 43 5.86 21.41 -39.49
C ALA D 43 6.71 22.24 -40.44
N ASP D 44 6.06 22.89 -41.40
CA ASP D 44 6.76 23.72 -42.37
C ASP D 44 6.67 25.19 -42.00
N SER D 45 5.69 25.53 -41.16
CA SER D 45 5.53 26.89 -40.67
C SER D 45 6.07 27.01 -39.25
N PRO D 46 6.37 28.24 -38.80
CA PRO D 46 6.89 28.48 -37.45
C PRO D 46 5.94 28.00 -36.35
N PRO D 47 6.46 27.26 -35.36
CA PRO D 47 7.86 26.85 -35.25
C PRO D 47 8.19 25.70 -36.19
N GLU D 48 9.04 25.97 -37.18
CA GLU D 48 9.35 24.98 -38.21
C GLU D 48 10.23 23.87 -37.67
N GLY D 49 9.94 22.64 -38.10
CA GLY D 49 10.81 21.51 -37.82
C GLY D 49 10.44 20.68 -36.60
N VAL D 50 9.49 21.18 -35.80
CA VAL D 50 9.10 20.48 -34.58
C VAL D 50 8.51 19.11 -34.94
N PHE D 51 7.57 19.12 -35.89
CA PHE D 51 6.97 17.89 -36.37
C PHE D 51 7.29 17.68 -37.85
N THR D 52 7.83 16.50 -38.16
CA THR D 52 8.08 16.12 -39.54
C THR D 52 7.49 14.73 -39.77
N ILE D 53 7.58 14.24 -41.01
CA ILE D 53 7.01 12.95 -41.34
C ILE D 53 7.85 12.22 -42.38
N GLU D 54 8.15 10.96 -42.08
CA GLU D 54 8.94 10.12 -42.98
C GLU D 54 8.16 9.91 -44.27
N LYS D 55 8.78 10.30 -45.39
CA LYS D 55 8.06 10.41 -46.66
C LYS D 55 7.48 9.08 -47.17
N GLU D 56 8.18 7.97 -46.93
CA GLU D 56 7.76 6.70 -47.51
C GLU D 56 7.01 5.79 -46.52
N SER D 57 7.31 5.90 -45.24
CA SER D 57 6.67 5.07 -44.23
C SER D 57 5.48 5.76 -43.58
N GLY D 58 5.56 7.09 -43.48
CA GLY D 58 4.49 7.87 -42.91
C GLY D 58 4.50 7.98 -41.39
N TRP D 59 5.68 7.83 -40.79
CA TRP D 59 5.80 7.94 -39.35
C TRP D 59 5.90 9.39 -38.88
N LEU D 60 4.99 9.79 -37.99
CA LEU D 60 5.02 11.12 -37.39
C LEU D 60 6.11 11.15 -36.34
N LEU D 61 6.97 12.16 -36.41
CA LEU D 61 8.12 12.25 -35.53
C LEU D 61 8.16 13.56 -34.74
N LEU D 62 8.52 13.46 -33.46
CA LEU D 62 8.67 14.65 -32.62
C LEU D 62 10.14 14.79 -32.30
N HIS D 63 10.70 15.95 -32.65
CA HIS D 63 12.14 16.15 -32.60
C HIS D 63 12.64 16.97 -31.40
N MET D 64 11.72 17.58 -30.66
CA MET D 64 12.08 18.39 -29.49
C MET D 64 11.04 18.19 -28.40
N PRO D 65 11.47 18.22 -27.13
CA PRO D 65 10.48 18.14 -26.04
C PRO D 65 9.41 19.22 -26.18
N LEU D 66 8.14 18.83 -26.05
CA LEU D 66 7.01 19.74 -26.29
C LEU D 66 6.52 20.44 -25.02
N ASP D 67 5.91 21.61 -25.21
CA ASP D 67 5.35 22.38 -24.10
C ASP D 67 3.90 22.86 -24.26
N ARG D 68 3.04 22.41 -23.35
CA ARG D 68 1.60 22.68 -23.38
C ARG D 68 1.22 24.14 -23.13
N GLU D 69 1.98 24.84 -22.29
CA GLU D 69 1.67 26.23 -21.97
C GLU D 69 1.75 27.18 -23.15
N LYS D 70 2.63 26.85 -24.08
CA LYS D 70 2.83 27.65 -25.28
C LYS D 70 1.83 27.22 -26.35
N ILE D 71 1.89 25.94 -26.69
CA ILE D 71 0.93 25.40 -27.62
C ILE D 71 0.10 24.36 -26.89
N VAL D 72 -1.18 24.66 -26.75
CA VAL D 72 -2.12 23.80 -26.06
C VAL D 72 -2.33 22.59 -26.95
N LYS D 73 -2.40 22.87 -28.24
CA LYS D 73 -2.58 21.84 -29.25
C LYS D 73 -1.96 22.32 -30.55
N TYR D 74 -1.29 21.43 -31.28
CA TYR D 74 -0.77 21.78 -32.59
C TYR D 74 -1.74 21.20 -33.60
N GLU D 75 -2.02 21.99 -34.63
CA GLU D 75 -2.96 21.57 -35.65
C GLU D 75 -2.25 21.44 -36.99
N LEU D 76 -1.86 20.21 -37.30
CA LEU D 76 -1.09 19.91 -38.50
C LEU D 76 -1.99 19.20 -39.51
N TYR D 77 -1.43 18.89 -40.68
CA TYR D 77 -2.16 18.23 -41.74
C TYR D 77 -1.35 17.10 -42.34
N GLY D 78 -1.94 15.92 -42.47
CA GLY D 78 -1.26 14.81 -43.11
C GLY D 78 -1.69 14.71 -44.55
N HIS D 79 -0.72 14.51 -45.44
CA HIS D 79 -1.01 14.44 -46.87
C HIS D 79 -0.52 13.13 -47.48
N ALA D 80 -1.21 12.67 -48.51
CA ALA D 80 -0.76 11.53 -49.29
C ALA D 80 -0.77 11.89 -50.77
N VAL D 81 0.36 11.70 -51.43
CA VAL D 81 0.50 12.05 -52.84
C VAL D 81 1.18 10.88 -53.55
N SER D 82 0.59 10.41 -54.64
CA SER D 82 1.15 9.27 -55.36
C SER D 82 2.45 9.67 -56.04
N GLU D 83 3.19 8.67 -56.52
CA GLU D 83 4.47 8.90 -57.17
C GLU D 83 4.33 9.82 -58.39
N ASN D 84 3.16 9.79 -59.03
CA ASN D 84 2.93 10.59 -60.23
C ASN D 84 2.82 12.09 -59.95
N GLY D 85 2.66 12.44 -58.67
CA GLY D 85 2.53 13.84 -58.28
C GLY D 85 1.07 14.29 -58.23
N ALA D 86 0.27 13.62 -57.41
CA ALA D 86 -1.14 13.93 -57.28
C ALA D 86 -1.69 13.40 -55.97
N SER D 87 -2.55 14.19 -55.32
CA SER D 87 -3.13 13.81 -54.04
C SER D 87 -4.10 12.63 -54.15
N VAL D 88 -3.92 11.66 -53.26
CA VAL D 88 -4.77 10.46 -53.26
C VAL D 88 -5.74 10.45 -52.07
N GLU D 89 -5.56 11.40 -51.15
CA GLU D 89 -6.49 11.57 -50.03
C GLU D 89 -6.61 13.05 -49.70
N GLU D 90 -7.77 13.48 -49.19
CA GLU D 90 -7.95 14.83 -48.71
C GLU D 90 -7.21 15.02 -47.38
N PRO D 91 -6.55 16.17 -47.20
CA PRO D 91 -5.79 16.42 -45.97
C PRO D 91 -6.59 16.11 -44.70
N MET D 92 -5.92 15.47 -43.75
CA MET D 92 -6.52 15.08 -42.47
C MET D 92 -5.96 15.89 -41.31
N ASN D 93 -6.82 16.23 -40.37
CA ASN D 93 -6.41 17.02 -39.21
C ASN D 93 -5.64 16.18 -38.22
N ILE D 94 -4.37 16.53 -38.01
CA ILE D 94 -3.57 15.90 -37.00
C ILE D 94 -3.52 16.84 -35.82
N SER D 95 -4.44 16.63 -34.88
CA SER D 95 -4.49 17.44 -33.69
C SER D 95 -3.58 16.80 -32.65
N ILE D 96 -2.60 17.56 -32.20
CA ILE D 96 -1.67 17.09 -31.21
C ILE D 96 -1.87 17.92 -29.96
N ILE D 97 -2.51 17.34 -28.97
CA ILE D 97 -2.76 18.05 -27.73
C ILE D 97 -1.63 17.71 -26.79
N VAL D 98 -1.11 18.74 -26.13
CA VAL D 98 -0.06 18.54 -25.16
C VAL D 98 -0.78 18.44 -23.83
N THR D 99 -0.63 17.32 -23.12
CA THR D 99 -1.26 17.20 -21.82
C THR D 99 -0.47 18.01 -20.82
N ASP D 100 -1.17 18.60 -19.85
CA ASP D 100 -0.54 19.55 -18.97
C ASP D 100 0.08 18.96 -17.71
N GLN D 101 1.20 19.55 -17.31
CA GLN D 101 1.77 19.34 -15.99
C GLN D 101 1.74 20.67 -15.27
N ASN D 102 1.71 20.65 -13.95
CA ASN D 102 1.62 21.88 -13.16
C ASN D 102 2.96 22.59 -12.96
N ASP D 103 3.44 23.26 -14.01
CA ASP D 103 4.73 23.95 -13.95
C ASP D 103 4.59 25.47 -13.88
N ASN D 104 3.37 25.95 -13.60
CA ASN D 104 3.12 27.37 -13.37
C ASN D 104 2.38 27.56 -12.07
N LYS D 105 2.92 28.41 -11.19
CA LYS D 105 2.26 28.73 -9.93
C LYS D 105 1.16 29.75 -10.15
N PRO D 106 0.19 29.80 -9.22
CA PRO D 106 -0.85 30.84 -9.28
C PRO D 106 -0.25 32.22 -9.13
N LYS D 107 -0.90 33.23 -9.71
CA LYS D 107 -0.43 34.61 -9.59
C LYS D 107 -1.62 35.52 -9.29
N PHE D 108 -1.51 36.30 -8.22
CA PHE D 108 -2.54 37.26 -7.87
C PHE D 108 -2.52 38.46 -8.81
N THR D 109 -3.70 38.96 -9.17
CA THR D 109 -3.80 40.09 -10.08
C THR D 109 -3.08 41.33 -9.55
N GLN D 110 -3.02 41.44 -8.22
CA GLN D 110 -2.34 42.56 -7.58
C GLN D 110 -1.61 42.08 -6.33
N ASP D 111 -0.49 42.74 -6.00
CA ASP D 111 0.28 42.37 -4.81
C ASP D 111 -0.49 42.74 -3.54
N THR D 112 -1.39 43.70 -3.64
CA THR D 112 -2.18 44.15 -2.49
C THR D 112 -3.57 44.61 -2.91
N PHE D 113 -4.59 44.14 -2.20
CA PHE D 113 -5.97 44.52 -2.46
C PHE D 113 -6.51 45.41 -1.34
N ARG D 114 -7.24 46.46 -1.72
CA ARG D 114 -7.86 47.35 -0.75
C ARG D 114 -9.37 47.21 -0.81
N GLY D 115 -9.99 47.11 0.37
CA GLY D 115 -11.43 46.96 0.47
C GLY D 115 -11.99 47.70 1.67
N SER D 116 -13.32 47.66 1.81
CA SER D 116 -13.98 48.36 2.90
C SER D 116 -15.26 47.66 3.31
N VAL D 117 -15.57 47.76 4.59
CA VAL D 117 -16.76 47.14 5.17
C VAL D 117 -17.31 47.89 6.37
N LEU D 118 -18.62 48.05 6.42
CA LEU D 118 -19.22 48.82 7.51
C LEU D 118 -18.93 48.28 8.90
N GLU D 119 -19.11 49.12 9.91
CA GLU D 119 -18.82 48.73 11.29
C GLU D 119 -19.78 47.86 12.10
N GLY D 120 -21.07 47.97 11.81
CA GLY D 120 -22.11 47.23 12.49
C GLY D 120 -22.62 46.28 11.41
N VAL D 121 -21.75 45.54 10.71
CA VAL D 121 -22.22 44.64 9.66
C VAL D 121 -22.57 43.28 10.26
N MET D 122 -23.67 42.71 9.78
CA MET D 122 -24.13 41.40 10.23
C MET D 122 -23.27 40.31 9.59
N PRO D 123 -22.87 39.31 10.39
CA PRO D 123 -22.06 38.20 9.88
C PRO D 123 -22.67 37.55 8.63
N GLY D 124 -21.85 37.31 7.62
CA GLY D 124 -22.29 36.70 6.38
C GLY D 124 -22.29 37.67 5.21
N THR D 125 -21.92 38.92 5.48
CA THR D 125 -21.88 39.96 4.47
C THR D 125 -20.59 39.89 3.65
N SER D 126 -20.62 40.46 2.45
CA SER D 126 -19.46 40.48 1.58
C SER D 126 -18.65 41.74 1.80
N VAL D 127 -17.33 41.65 1.62
CA VAL D 127 -16.43 42.78 1.83
C VAL D 127 -15.76 43.18 0.52
N MET D 128 -14.96 42.26 -0.02
CA MET D 128 -14.21 42.52 -1.25
C MET D 128 -13.96 41.20 -1.95
N GLN D 129 -13.28 41.26 -3.09
CA GLN D 129 -12.94 40.05 -3.84
C GLN D 129 -11.55 40.11 -4.43
N VAL D 130 -10.73 39.11 -4.09
CA VAL D 130 -9.41 38.95 -4.68
C VAL D 130 -9.46 37.81 -5.68
N THR D 131 -8.56 37.82 -6.64
CA THR D 131 -8.53 36.78 -7.66
C THR D 131 -7.10 36.48 -8.08
N ALA D 132 -6.81 35.20 -8.27
CA ALA D 132 -5.51 34.76 -8.74
C ALA D 132 -5.72 33.83 -9.92
N THR D 133 -4.76 33.83 -10.84
CA THR D 133 -4.92 33.10 -12.08
C THR D 133 -3.75 32.16 -12.32
N ASP D 134 -4.06 30.96 -12.78
CA ASP D 134 -3.05 29.96 -13.12
C ASP D 134 -3.14 29.63 -14.60
N GLU D 135 -2.02 29.75 -15.30
CA GLU D 135 -2.01 29.57 -16.74
C GLU D 135 -1.95 28.09 -17.15
N ASP D 136 -2.07 27.20 -16.17
CA ASP D 136 -2.10 25.77 -16.46
C ASP D 136 -3.48 25.33 -16.89
N ASP D 137 -3.58 24.06 -17.31
CA ASP D 137 -4.82 23.49 -17.80
C ASP D 137 -5.85 23.36 -16.68
N ALA D 138 -7.02 23.97 -16.88
CA ALA D 138 -8.09 23.94 -15.89
C ALA D 138 -9.33 23.21 -16.39
N VAL D 139 -9.24 22.59 -17.56
CA VAL D 139 -10.36 21.88 -18.15
C VAL D 139 -10.23 20.38 -17.96
N ASN D 140 -9.13 19.82 -18.45
CA ASN D 140 -8.90 18.40 -18.37
C ASN D 140 -8.25 18.01 -17.03
N THR D 141 -7.50 18.93 -16.45
CA THR D 141 -6.84 18.70 -15.16
C THR D 141 -7.19 19.80 -14.17
N TYR D 142 -6.62 19.72 -12.97
CA TYR D 142 -6.80 20.76 -11.96
C TYR D 142 -5.55 21.61 -11.82
N ASN D 143 -4.60 21.43 -12.74
CA ASN D 143 -3.36 22.19 -12.71
C ASN D 143 -3.60 23.69 -12.75
N GLY D 144 -4.75 24.09 -13.28
CA GLY D 144 -5.08 25.51 -13.41
C GLY D 144 -6.20 25.93 -12.48
N VAL D 145 -6.80 24.96 -11.80
CA VAL D 145 -7.90 25.25 -10.88
C VAL D 145 -7.36 25.77 -9.55
N VAL D 146 -7.73 27.01 -9.21
CA VAL D 146 -7.23 27.67 -8.02
C VAL D 146 -8.21 27.61 -6.86
N ALA D 147 -7.67 27.43 -5.65
CA ALA D 147 -8.48 27.43 -4.44
C ALA D 147 -7.98 28.52 -3.51
N TYR D 148 -8.91 29.27 -2.91
CA TYR D 148 -8.55 30.43 -2.10
C TYR D 148 -8.68 30.14 -0.60
N SER D 149 -7.86 30.82 0.19
CA SER D 149 -7.90 30.67 1.65
C SER D 149 -7.21 31.85 2.32
N ILE D 150 -7.28 31.91 3.65
CA ILE D 150 -6.61 32.95 4.40
C ILE D 150 -5.57 32.35 5.34
N HIS D 151 -4.30 32.74 5.16
CA HIS D 151 -3.21 32.20 5.97
C HIS D 151 -3.14 32.85 7.35
N SER D 152 -3.28 34.17 7.41
CA SER D 152 -3.18 34.87 8.69
C SER D 152 -3.96 36.18 8.70
N GLN D 153 -4.21 36.67 9.91
CA GLN D 153 -4.90 37.94 10.10
C GLN D 153 -4.21 38.71 11.22
N GLU D 154 -3.81 39.94 10.93
CA GLU D 154 -3.18 40.79 11.93
C GLU D 154 -3.87 42.15 11.95
N PRO D 155 -4.30 42.61 13.14
CA PRO D 155 -4.13 41.89 14.40
C PRO D 155 -5.17 40.79 14.56
N LYS D 156 -5.01 39.97 15.60
CA LYS D 156 -5.93 38.86 15.86
C LYS D 156 -6.94 39.22 16.94
N GLU D 157 -7.29 40.51 17.01
CA GLU D 157 -8.28 40.99 17.96
C GLU D 157 -9.48 41.59 17.21
N PRO D 158 -10.69 41.40 17.73
CA PRO D 158 -11.00 40.68 18.99
C PRO D 158 -10.87 39.16 18.87
N HIS D 159 -11.04 38.64 17.66
CA HIS D 159 -10.94 37.20 17.43
C HIS D 159 -9.94 36.94 16.31
N ASP D 160 -9.50 35.70 16.19
CA ASP D 160 -8.53 35.33 15.16
C ASP D 160 -9.23 34.99 13.85
N LEU D 161 -10.53 34.71 13.92
CA LEU D 161 -11.31 34.35 12.76
C LEU D 161 -12.42 35.38 12.50
N MET D 162 -12.02 36.57 12.08
CA MET D 162 -12.96 37.65 11.83
C MET D 162 -13.48 37.63 10.40
N PHE D 163 -12.69 37.05 9.49
CA PHE D 163 -13.06 37.00 8.08
C PHE D 163 -13.01 35.58 7.53
N THR D 164 -13.44 35.43 6.28
CA THR D 164 -13.39 34.16 5.58
C THR D 164 -13.34 34.43 4.08
N ILE D 165 -13.01 33.41 3.30
CA ILE D 165 -12.93 33.56 1.85
C ILE D 165 -13.52 32.34 1.16
N HIS D 166 -14.30 32.57 0.10
CA HIS D 166 -14.88 31.47 -0.67
C HIS D 166 -13.80 30.78 -1.49
N LYS D 167 -13.73 29.46 -1.38
CA LYS D 167 -12.65 28.67 -1.96
C LYS D 167 -12.61 28.75 -3.49
N SER D 168 -13.72 29.10 -4.12
CA SER D 168 -13.80 29.06 -5.59
C SER D 168 -13.79 30.45 -6.23
N THR D 169 -14.52 31.39 -5.64
CA THR D 169 -14.67 32.72 -6.22
C THR D 169 -13.63 33.68 -5.66
N GLY D 170 -13.24 33.47 -4.41
CA GLY D 170 -12.20 34.27 -3.80
C GLY D 170 -12.71 35.58 -3.24
N THR D 171 -13.98 35.61 -2.85
CA THR D 171 -14.56 36.81 -2.24
C THR D 171 -14.54 36.71 -0.72
N ILE D 172 -13.96 37.72 -0.08
CA ILE D 172 -13.83 37.72 1.37
C ILE D 172 -15.13 38.17 2.03
N SER D 173 -15.55 37.44 3.05
CA SER D 173 -16.79 37.73 3.77
C SER D 173 -16.53 37.84 5.26
N VAL D 174 -17.38 38.59 5.95
CA VAL D 174 -17.32 38.69 7.40
C VAL D 174 -17.96 37.47 8.03
N ILE D 175 -17.19 36.75 8.85
CA ILE D 175 -17.67 35.52 9.48
C ILE D 175 -18.13 35.77 10.92
N SER D 176 -17.53 36.78 11.56
CA SER D 176 -17.83 37.07 12.95
C SER D 176 -18.12 38.56 13.15
N SER D 177 -19.07 38.86 14.03
CA SER D 177 -19.38 40.24 14.40
C SER D 177 -18.35 40.73 15.41
N GLY D 178 -18.46 41.99 15.78
CA GLY D 178 -17.54 42.58 16.76
C GLY D 178 -16.55 43.52 16.11
N LEU D 179 -16.90 44.02 14.92
CA LEU D 179 -16.06 44.99 14.24
C LEU D 179 -16.28 46.36 14.87
N ASP D 180 -15.18 47.01 15.22
CA ASP D 180 -15.23 48.32 15.85
C ASP D 180 -14.08 49.18 15.36
N ARG D 181 -14.39 50.34 14.82
CA ARG D 181 -13.36 51.23 14.28
C ARG D 181 -12.51 51.85 15.38
N GLU D 182 -13.13 52.15 16.53
CA GLU D 182 -12.41 52.78 17.63
C GLU D 182 -11.33 51.84 18.17
N LYS D 183 -11.54 50.54 18.01
CA LYS D 183 -10.61 49.53 18.51
C LYS D 183 -9.47 49.21 17.53
N VAL D 184 -9.83 48.76 16.34
CA VAL D 184 -8.85 48.39 15.31
C VAL D 184 -9.16 49.08 13.98
N PRO D 185 -8.22 49.89 13.48
CA PRO D 185 -8.40 50.67 12.24
C PRO D 185 -8.17 49.88 10.95
N GLU D 186 -7.16 49.02 10.94
CA GLU D 186 -6.79 48.30 9.72
C GLU D 186 -6.73 46.79 9.98
N TYR D 187 -7.04 46.00 8.96
CA TYR D 187 -6.94 44.54 9.06
C TYR D 187 -6.08 43.99 7.93
N ARG D 188 -4.89 43.52 8.28
CA ARG D 188 -3.98 42.95 7.29
C ARG D 188 -4.15 41.44 7.16
N LEU D 189 -4.94 41.02 6.19
CA LEU D 189 -5.09 39.60 5.87
C LEU D 189 -4.08 39.20 4.82
N THR D 190 -3.48 38.02 4.99
CA THR D 190 -2.64 37.46 3.95
C THR D 190 -3.38 36.32 3.28
N VAL D 191 -3.96 36.57 2.11
CA VAL D 191 -4.75 35.57 1.42
C VAL D 191 -3.84 34.69 0.59
N GLN D 192 -4.29 33.47 0.31
CA GLN D 192 -3.46 32.49 -0.37
C GLN D 192 -4.22 31.83 -1.52
N ALA D 193 -3.54 31.65 -2.65
CA ALA D 193 -4.10 30.95 -3.78
C ALA D 193 -3.24 29.73 -4.10
N THR D 194 -3.85 28.56 -4.04
CA THR D 194 -3.15 27.31 -4.29
C THR D 194 -3.87 26.51 -5.37
N ASP D 195 -3.10 25.99 -6.31
CA ASP D 195 -3.65 25.20 -7.42
C ASP D 195 -3.95 23.76 -6.97
N MET D 196 -4.33 22.91 -7.92
CA MET D 196 -4.77 21.55 -7.62
C MET D 196 -5.99 21.56 -6.71
N ASP D 197 -6.73 22.66 -6.74
CA ASP D 197 -7.93 22.82 -5.91
C ASP D 197 -7.61 22.65 -4.42
N GLY D 198 -6.39 23.03 -4.02
CA GLY D 198 -6.01 23.02 -2.62
C GLY D 198 -4.91 22.05 -2.24
N GLU D 199 -4.44 21.24 -3.18
CA GLU D 199 -3.49 20.18 -2.86
C GLU D 199 -2.09 20.45 -3.42
N GLY D 200 -1.89 21.58 -4.08
CA GLY D 200 -0.65 21.81 -4.80
C GLY D 200 0.19 22.97 -4.28
N SER D 201 0.90 23.62 -5.20
CA SER D 201 1.78 24.72 -4.87
C SER D 201 0.98 25.97 -4.50
N THR D 202 1.61 26.88 -3.76
CA THR D 202 0.92 28.04 -3.22
C THR D 202 1.64 29.35 -3.53
N THR D 203 0.86 30.43 -3.56
CA THR D 203 1.40 31.78 -3.65
C THR D 203 0.53 32.62 -2.72
N THR D 204 1.00 33.80 -2.34
CA THR D 204 0.26 34.61 -1.38
C THR D 204 0.26 36.10 -1.69
N ALA D 205 -0.83 36.75 -1.28
CA ALA D 205 -0.95 38.21 -1.36
C ALA D 205 -1.70 38.73 -0.15
N GLU D 206 -1.70 40.05 0.02
CA GLU D 206 -2.35 40.68 1.18
C GLU D 206 -3.65 41.39 0.79
N ALA D 207 -4.62 41.37 1.70
CA ALA D 207 -5.88 42.07 1.48
C ALA D 207 -6.27 42.90 2.70
N VAL D 208 -6.13 44.22 2.58
CA VAL D 208 -6.38 45.15 3.68
C VAL D 208 -7.76 45.79 3.62
N VAL D 209 -8.55 45.60 4.68
CA VAL D 209 -9.90 46.16 4.77
C VAL D 209 -10.02 47.28 5.82
N GLN D 210 -10.28 48.49 5.35
CA GLN D 210 -10.52 49.61 6.25
C GLN D 210 -11.98 49.60 6.70
N ILE D 211 -12.21 49.87 7.99
CA ILE D 211 -13.56 49.88 8.54
C ILE D 211 -14.13 51.29 8.58
CA CA E . 12.71 3.65 8.89
CA CA F . 14.56 0.34 8.64
CA CA G . 18.46 -1.07 3.32
CA CA H . 50.83 10.72 -23.92
CU CU I . -3.76 9.04 18.95
CU CU J . 22.32 1.03 -17.40
CA CA K . -20.23 -19.58 21.88
CA CA L . -22.15 -16.32 23.07
CA CA M . -28.84 -14.92 22.04
CU CU N . -0.92 -25.16 19.04
CU CU O . -47.07 -18.21 10.60
CA CA P . 2.79 -10.66 -16.12
CA CA Q . 6.24 -8.85 -17.33
CA CA R . 12.51 -9.49 -14.54
CU CU S . 25.04 -13.76 1.95
CU CU T . 32.68 -10.24 -21.02
CU CU U . -16.44 -6.84 -16.79
CA CA V . 1.68 23.32 -17.55
CA CA W . -1.06 25.33 -11.29
CA CA X . 5.12 25.13 -20.42
CA CA Y . -18.26 55.17 16.61
CU CU Z . 3.06 32.82 8.21
CU CU AA . 15.49 17.26 -34.17
#